data_9DBH
#
_entry.id   9DBH
#
_cell.length_a   56.365
_cell.length_b   133.269
_cell.length_c   79.165
_cell.angle_alpha   90.000
_cell.angle_beta   107.920
_cell.angle_gamma   90.000
#
_symmetry.space_group_name_H-M   'P 1 21 1'
#
loop_
_entity.id
_entity.type
_entity.pdbx_description
1 polymer HalB
2 polymer "DNA (5'-D(P*AP*AP*AP*AP*AP*A)-3')"
3 polymer "DNA (5'-D(P*AP*AP*AP*AP*AP*A)-3')"
4 polymer "DNA (5'-D(P*AP*AP*AP*AP*AP*A)-3')"
5 polymer "DNA (5'-D(P*AP*AP*AP*AP*AP*A)-3')"
6 non-polymer 'MANGANESE (II) ION'
7 water water
#
loop_
_entity_poly.entity_id
_entity_poly.type
_entity_poly.pdbx_seq_one_letter_code
_entity_poly.pdbx_strand_id
1 'polypeptide(L)'
;SGSGSGSGSGSIEALMLFGSAARGESDKNSDVDLLAVTSGVRPFSKKTEQTELQFLNPEELLRSASDGDLFAIHLAFEGK
IIFDTTGVFTRFKERLVIRKDYGREIKWGNDLAWYLLDFGMNAENTTLVNKRIAWCVRTIAIARLVESGKIIFSPRALAK
EFPRKHVSDLIGLRRSDEDSQTRKRRLAGFLDSIDSSRPSVSSEQEYVSHFERTENRVGLQTLHGLKKKNGNEESPY
;
A,B,C,D
2 'polydeoxyribonucleotide' (DA)(DA)(DA)(DA)(DA)(DA) E
3 'polydeoxyribonucleotide' (DA)(DA)(DA)(DA)(DA) F
4 'polydeoxyribonucleotide' (DA)(DA)(DA)(DA) G
5 'polydeoxyribonucleotide' (DA)(DA)(DA) H
#
loop_
_chem_comp.id
_chem_comp.type
_chem_comp.name
_chem_comp.formula
DA DNA linking 2'-DEOXYADENOSINE-5'-MONOPHOSPHATE 'C10 H14 N5 O6 P'
MN non-polymer 'MANGANESE (II) ION' 'Mn 2'
#
# COMPACT_ATOMS: atom_id res chain seq x y z
N SER A 11 21.46 -0.95 -6.58
CA SER A 11 20.17 -1.57 -6.28
C SER A 11 19.25 -0.61 -5.54
N ILE A 12 17.95 -0.76 -5.80
CA ILE A 12 16.93 0.14 -5.28
C ILE A 12 16.50 -0.33 -3.90
N GLU A 13 16.72 0.50 -2.88
CA GLU A 13 16.29 0.10 -1.55
C GLU A 13 14.89 0.58 -1.20
N ALA A 14 14.35 1.57 -1.91
CA ALA A 14 13.00 2.04 -1.65
C ALA A 14 12.43 2.68 -2.91
N LEU A 15 11.10 2.66 -3.00
CA LEU A 15 10.39 3.18 -4.17
C LEU A 15 9.12 3.90 -3.72
N MET A 16 8.85 5.06 -4.31
CA MET A 16 7.77 5.92 -3.87
C MET A 16 7.01 6.48 -5.05
N LEU A 17 5.69 6.38 -5.01
CA LEU A 17 4.82 7.07 -5.96
C LEU A 17 4.58 8.50 -5.49
N PHE A 18 4.67 9.46 -6.41
CA PHE A 18 4.42 10.85 -6.05
C PHE A 18 3.70 11.53 -7.21
N GLY A 19 3.48 12.84 -7.06
CA GLY A 19 2.78 13.57 -8.10
C GLY A 19 1.29 13.24 -8.19
N SER A 20 0.74 13.46 -9.39
CA SER A 20 -0.70 13.38 -9.59
C SER A 20 -1.24 11.99 -9.29
N ALA A 21 -0.51 10.94 -9.68
CA ALA A 21 -0.99 9.58 -9.43
C ALA A 21 -1.09 9.28 -7.94
N ALA A 22 -0.13 9.76 -7.15
CA ALA A 22 -0.19 9.57 -5.70
C ALA A 22 -1.36 10.33 -5.10
N ARG A 23 -1.76 11.42 -5.74
CA ARG A 23 -2.88 12.24 -5.30
C ARG A 23 -4.23 11.67 -5.72
N GLY A 24 -4.24 10.81 -6.75
CA GLY A 24 -5.48 10.26 -7.25
C GLY A 24 -6.21 11.14 -8.24
N GLU A 25 -5.53 12.12 -8.82
CA GLU A 25 -6.13 13.08 -9.75
C GLU A 25 -5.31 13.20 -11.03
N SER A 26 -4.98 12.06 -11.64
CA SER A 26 -4.26 12.06 -12.90
C SER A 26 -5.26 12.23 -14.05
N ASP A 27 -5.06 13.26 -14.87
CA ASP A 27 -5.94 13.49 -16.01
C ASP A 27 -5.33 12.83 -17.25
N LYS A 28 -5.79 13.23 -18.44
CA LYS A 28 -5.42 12.54 -19.67
C LYS A 28 -3.92 12.57 -19.90
N ASN A 29 -3.31 13.76 -19.84
CA ASN A 29 -1.91 13.93 -20.18
C ASN A 29 -0.99 13.83 -18.96
N SER A 30 -1.34 13.01 -17.97
CA SER A 30 -0.53 12.89 -16.77
C SER A 30 0.62 11.92 -16.97
N ASP A 31 1.69 12.15 -16.23
CA ASP A 31 2.78 11.20 -16.09
C ASP A 31 2.67 10.48 -14.75
N VAL A 32 3.16 9.26 -14.71
CA VAL A 32 3.34 8.54 -13.45
C VAL A 32 4.73 8.88 -12.94
N ASP A 33 4.81 9.41 -11.72
CA ASP A 33 6.06 9.87 -11.13
C ASP A 33 6.50 8.89 -10.06
N LEU A 34 7.74 8.41 -10.18
CA LEU A 34 8.29 7.41 -9.28
C LEU A 34 9.67 7.84 -8.82
N LEU A 35 9.94 7.66 -7.53
CA LEU A 35 11.23 7.98 -6.95
C LEU A 35 11.86 6.70 -6.45
N ALA A 36 13.00 6.33 -7.03
CA ALA A 36 13.76 5.15 -6.61
C ALA A 36 14.95 5.63 -5.80
N VAL A 37 15.06 5.15 -4.56
CA VAL A 37 16.18 5.50 -3.69
C VAL A 37 17.25 4.43 -3.88
N THR A 38 18.42 4.85 -4.38
CA THR A 38 19.43 3.92 -4.86
C THR A 38 20.80 4.33 -4.31
N SER A 39 21.42 3.43 -3.56
CA SER A 39 22.74 3.68 -2.99
C SER A 39 23.77 3.92 -4.08
N GLY A 40 24.67 4.85 -3.82
CA GLY A 40 25.83 5.04 -4.68
C GLY A 40 25.54 5.47 -6.11
N VAL A 41 24.61 6.39 -6.30
CA VAL A 41 24.39 7.03 -7.58
C VAL A 41 24.22 8.53 -7.34
N ARG A 42 24.47 9.28 -8.38
CA ARG A 42 24.11 10.69 -8.37
C ARG A 42 22.71 10.85 -8.94
N PRO A 43 22.05 11.99 -8.68
CA PRO A 43 20.67 12.15 -9.16
C PRO A 43 20.57 12.06 -10.67
N PHE A 44 19.59 11.30 -11.13
CA PHE A 44 19.28 11.20 -12.56
C PHE A 44 17.87 10.66 -12.72
N SER A 45 17.31 10.85 -13.91
CA SER A 45 15.95 10.43 -14.18
C SER A 45 15.87 9.63 -15.47
N LYS A 46 14.88 8.75 -15.52
CA LYS A 46 14.57 7.93 -16.69
C LYS A 46 13.13 8.21 -17.08
N LYS A 47 12.92 8.60 -18.34
CA LYS A 47 11.64 9.11 -18.79
C LYS A 47 11.10 8.29 -19.96
N THR A 48 9.78 8.12 -19.97
CA THR A 48 9.04 7.70 -21.15
C THR A 48 7.91 8.71 -21.37
N GLU A 49 7.09 8.47 -22.40
CA GLU A 49 6.01 9.39 -22.70
C GLU A 49 5.05 9.55 -21.53
N GLN A 50 4.91 8.52 -20.69
CA GLN A 50 3.94 8.53 -19.60
C GLN A 50 4.54 8.29 -18.23
N THR A 51 5.86 8.15 -18.10
CA THR A 51 6.47 7.88 -16.80
C THR A 51 7.71 8.74 -16.58
N GLU A 52 7.94 9.10 -15.32
CA GLU A 52 9.20 9.71 -14.89
C GLU A 52 9.71 8.93 -13.70
N LEU A 53 10.96 8.46 -13.79
CA LEU A 53 11.60 7.68 -12.74
C LEU A 53 12.83 8.44 -12.26
N GLN A 54 12.77 8.97 -11.04
CA GLN A 54 13.85 9.76 -10.47
C GLN A 54 14.67 8.91 -9.52
N PHE A 55 15.99 8.94 -9.70
CA PHE A 55 16.90 8.24 -8.79
C PHE A 55 17.62 9.24 -7.90
N LEU A 56 17.66 8.93 -6.59
CA LEU A 56 18.43 9.68 -5.62
C LEU A 56 19.09 8.68 -4.67
N ASN A 57 20.29 9.00 -4.18
CA ASN A 57 20.86 8.14 -3.17
C ASN A 57 20.40 8.57 -1.78
N PRO A 58 20.53 7.71 -0.77
CA PRO A 58 19.97 8.05 0.56
C PRO A 58 20.55 9.33 1.16
N GLU A 59 21.85 9.57 1.01
CA GLU A 59 22.45 10.78 1.54
C GLU A 59 21.81 12.03 0.95
N GLU A 60 21.57 12.02 -0.36
CA GLU A 60 21.00 13.18 -1.03
C GLU A 60 19.52 13.33 -0.70
N LEU A 61 18.80 12.22 -0.54
CA LEU A 61 17.40 12.32 -0.11
C LEU A 61 17.30 12.96 1.27
N LEU A 62 18.15 12.52 2.21
CA LEU A 62 18.09 13.08 3.56
C LEU A 62 18.57 14.52 3.59
N ARG A 63 19.54 14.90 2.74
CA ARG A 63 19.97 16.28 2.70
C ARG A 63 18.84 17.20 2.25
N SER A 64 18.07 16.77 1.23
CA SER A 64 16.97 17.60 0.75
C SER A 64 15.94 17.81 1.84
N ALA A 65 15.73 16.81 2.70
CA ALA A 65 14.87 16.99 3.86
C ALA A 65 15.47 18.00 4.85
N SER A 66 16.74 17.81 5.20
CA SER A 66 17.40 18.73 6.14
C SER A 66 17.42 20.16 5.62
N ASP A 67 17.58 20.34 4.31
CA ASP A 67 17.60 21.67 3.72
C ASP A 67 16.21 22.24 3.53
N GLY A 68 15.16 21.48 3.80
CA GLY A 68 13.82 21.98 3.61
C GLY A 68 13.39 22.19 2.18
N ASP A 69 13.98 21.45 1.23
CA ASP A 69 13.62 21.59 -0.17
C ASP A 69 12.13 21.42 -0.36
N LEU A 70 11.54 22.27 -1.20
CA LEU A 70 10.10 22.19 -1.45
C LEU A 70 9.72 20.82 -2.00
N PHE A 71 10.57 20.26 -2.86
CA PHE A 71 10.27 18.93 -3.40
C PHE A 71 10.25 17.88 -2.30
N ALA A 72 11.16 17.98 -1.32
CA ALA A 72 11.16 17.04 -0.21
C ALA A 72 9.87 17.13 0.59
N ILE A 73 9.34 18.34 0.76
CA ILE A 73 8.06 18.49 1.45
C ILE A 73 6.96 17.75 0.69
N HIS A 74 6.98 17.85 -0.65
CA HIS A 74 5.99 17.13 -1.44
C HIS A 74 6.06 15.62 -1.20
N LEU A 75 7.28 15.07 -1.22
CA LEU A 75 7.45 13.64 -1.02
C LEU A 75 6.93 13.21 0.35
N ALA A 76 7.22 14.01 1.38
CA ALA A 76 6.83 13.63 2.74
C ALA A 76 5.33 13.77 2.94
N PHE A 77 4.71 14.74 2.27
CA PHE A 77 3.31 15.07 2.50
C PHE A 77 2.36 14.25 1.64
N GLU A 78 2.76 13.91 0.40
CA GLU A 78 1.88 13.24 -0.54
C GLU A 78 2.43 11.94 -1.12
N GLY A 79 3.71 11.65 -0.90
CA GLY A 79 4.30 10.46 -1.50
C GLY A 79 3.70 9.20 -0.91
N LYS A 80 3.54 8.19 -1.75
CA LYS A 80 3.02 6.89 -1.33
C LYS A 80 4.15 5.87 -1.45
N ILE A 81 4.51 5.27 -0.34
CA ILE A 81 5.62 4.32 -0.27
C ILE A 81 5.16 3.01 -0.89
N ILE A 82 5.87 2.56 -1.92
CA ILE A 82 5.58 1.26 -2.51
C ILE A 82 6.34 0.15 -1.78
N PHE A 83 7.64 0.33 -1.59
CA PHE A 83 8.38 -0.49 -0.64
C PHE A 83 9.55 0.31 -0.11
N ASP A 84 10.05 -0.11 1.06
CA ASP A 84 11.19 0.56 1.71
C ASP A 84 11.88 -0.50 2.56
N THR A 85 12.95 -1.09 2.02
CA THR A 85 13.63 -2.17 2.71
C THR A 85 14.58 -1.68 3.79
N THR A 86 14.90 -0.38 3.82
CA THR A 86 15.87 0.14 4.76
C THR A 86 15.29 1.15 5.75
N GLY A 87 14.00 1.45 5.69
CA GLY A 87 13.43 2.50 6.50
C GLY A 87 13.92 3.88 6.14
N VAL A 88 14.45 4.06 4.92
CA VAL A 88 15.07 5.32 4.54
C VAL A 88 14.05 6.45 4.51
N PHE A 89 12.79 6.14 4.21
CA PHE A 89 11.77 7.20 4.18
C PHE A 89 11.37 7.64 5.57
N THR A 90 11.42 6.73 6.56
CA THR A 90 11.25 7.15 7.94
C THR A 90 12.39 8.08 8.37
N ARG A 91 13.63 7.71 8.03
CA ARG A 91 14.77 8.56 8.35
C ARG A 91 14.69 9.89 7.60
N PHE A 92 14.19 9.86 6.37
CA PHE A 92 13.97 11.08 5.59
C PHE A 92 13.02 12.03 6.30
N LYS A 93 11.90 11.51 6.80
CA LYS A 93 10.91 12.38 7.44
C LYS A 93 11.40 12.91 8.78
N GLU A 94 12.23 12.13 9.49
CA GLU A 94 12.82 12.62 10.74
C GLU A 94 13.79 13.78 10.51
N ARG A 95 14.39 13.86 9.32
CA ARG A 95 15.33 14.93 8.99
C ARG A 95 14.66 16.18 8.46
N LEU A 96 13.37 16.10 8.09
CA LEU A 96 12.73 17.22 7.42
C LEU A 96 12.64 18.42 8.36
N VAL A 97 13.00 19.59 7.83
CA VAL A 97 12.83 20.87 8.53
C VAL A 97 12.16 21.80 7.55
N ILE A 98 10.88 22.09 7.78
CA ILE A 98 10.14 23.01 6.93
C ILE A 98 10.50 24.43 7.33
N ARG A 99 11.03 25.20 6.38
CA ARG A 99 11.50 26.53 6.72
C ARG A 99 10.34 27.52 6.78
N LYS A 100 10.63 28.66 7.42
CA LYS A 100 9.70 29.79 7.50
C LYS A 100 9.89 30.78 6.37
N ASP A 101 11.07 30.76 5.75
CA ASP A 101 11.50 31.77 4.78
C ASP A 101 12.03 31.04 3.56
N TYR A 102 11.25 31.05 2.48
CA TYR A 102 11.70 30.49 1.21
C TYR A 102 12.08 31.58 0.21
N GLY A 103 12.68 32.67 0.73
CA GLY A 103 13.03 33.79 -0.13
C GLY A 103 14.11 33.45 -1.15
N ARG A 104 15.05 32.58 -0.78
CA ARG A 104 16.07 32.14 -1.74
C ARG A 104 15.42 31.47 -2.94
N GLU A 105 14.55 30.48 -2.68
CA GLU A 105 13.91 29.73 -3.75
C GLU A 105 13.00 30.64 -4.59
N ILE A 106 12.27 31.54 -3.92
CA ILE A 106 11.40 32.49 -4.63
C ILE A 106 12.23 33.37 -5.56
N LYS A 107 13.38 33.84 -5.08
CA LYS A 107 14.30 34.62 -5.91
C LYS A 107 14.81 33.81 -7.09
N TRP A 108 15.15 32.53 -6.86
CA TRP A 108 15.58 31.68 -7.97
C TRP A 108 14.49 31.55 -9.03
N GLY A 109 13.23 31.43 -8.60
CA GLY A 109 12.14 31.33 -9.55
C GLY A 109 11.90 32.62 -10.31
N ASN A 110 12.01 33.76 -9.61
CA ASN A 110 11.82 35.07 -10.26
C ASN A 110 12.92 35.33 -11.28
N ASP A 111 14.18 35.05 -10.92
CA ASP A 111 15.29 35.37 -11.81
C ASP A 111 15.26 34.50 -13.07
N LEU A 112 14.95 33.21 -12.92
CA LEU A 112 14.87 32.34 -14.09
C LEU A 112 13.69 32.71 -14.98
N ALA A 113 12.59 33.18 -14.38
CA ALA A 113 11.44 33.59 -15.17
C ALA A 113 11.76 34.80 -16.05
N TRP A 114 12.51 35.77 -15.52
CA TRP A 114 12.91 36.90 -16.34
C TRP A 114 13.85 36.47 -17.46
N TYR A 115 14.78 35.55 -17.16
CA TYR A 115 15.66 35.03 -18.21
C TYR A 115 14.85 34.41 -19.34
N LEU A 116 13.86 33.57 -18.98
CA LEU A 116 13.09 32.88 -20.00
C LEU A 116 12.20 33.85 -20.76
N LEU A 117 11.64 34.84 -20.07
CA LEU A 117 10.85 35.85 -20.76
C LEU A 117 11.69 36.60 -21.78
N ASP A 118 12.88 37.05 -21.38
CA ASP A 118 13.68 37.92 -22.23
C ASP A 118 14.43 37.16 -23.32
N PHE A 119 14.82 35.91 -23.06
CA PHE A 119 15.68 35.20 -24.00
C PHE A 119 15.24 33.77 -24.30
N GLY A 120 14.12 33.31 -23.75
CA GLY A 120 13.74 31.92 -23.94
C GLY A 120 12.67 31.65 -24.98
N MET A 121 11.95 32.68 -25.41
CA MET A 121 10.70 32.46 -26.14
C MET A 121 10.90 31.98 -27.58
N ASN A 122 12.09 32.10 -28.14
CA ASN A 122 12.37 31.52 -29.45
C ASN A 122 13.52 30.51 -29.39
N ALA A 123 13.79 29.96 -28.22
CA ALA A 123 14.82 28.94 -28.09
C ALA A 123 14.43 27.69 -28.87
N GLU A 124 15.44 26.91 -29.27
CA GLU A 124 15.16 25.67 -29.98
C GLU A 124 14.37 24.71 -29.10
N ASN A 125 14.72 24.64 -27.80
CA ASN A 125 14.13 23.64 -26.90
C ASN A 125 12.87 24.21 -26.27
N THR A 126 11.82 24.32 -27.10
CA THR A 126 10.56 24.88 -26.64
C THR A 126 9.99 24.08 -25.46
N THR A 127 10.16 22.76 -25.49
CA THR A 127 9.63 21.92 -24.42
C THR A 127 10.28 22.24 -23.07
N LEU A 128 11.61 22.41 -23.07
CA LEU A 128 12.31 22.73 -21.82
C LEU A 128 11.94 24.12 -21.32
N VAL A 129 11.84 25.09 -22.24
CA VAL A 129 11.41 26.44 -21.86
C VAL A 129 10.06 26.38 -21.17
N ASN A 130 9.10 25.68 -21.77
CA ASN A 130 7.75 25.61 -21.19
C ASN A 130 7.77 24.89 -19.85
N LYS A 131 8.50 23.77 -19.76
CA LYS A 131 8.62 23.08 -18.48
C LYS A 131 9.18 24.00 -17.40
N ARG A 132 10.17 24.82 -17.75
CA ARG A 132 10.83 25.64 -16.75
C ARG A 132 10.10 26.96 -16.48
N ILE A 133 9.26 27.43 -17.39
CA ILE A 133 8.32 28.50 -17.04
C ILE A 133 7.37 28.01 -15.95
N ALA A 134 6.83 26.80 -16.13
CA ALA A 134 5.96 26.22 -15.11
C ALA A 134 6.71 26.01 -13.81
N TRP A 135 8.00 25.65 -13.88
CA TRP A 135 8.78 25.48 -12.67
C TRP A 135 8.92 26.79 -11.90
N CYS A 136 9.20 27.89 -12.60
CA CYS A 136 9.29 29.19 -11.95
C CYS A 136 7.99 29.53 -11.23
N VAL A 137 6.87 29.45 -11.96
CA VAL A 137 5.58 29.81 -11.39
C VAL A 137 5.22 28.87 -10.24
N ARG A 138 5.46 27.57 -10.41
CA ARG A 138 5.15 26.61 -9.35
C ARG A 138 6.04 26.81 -8.13
N THR A 139 7.34 27.03 -8.33
CA THR A 139 8.24 27.24 -7.20
C THR A 139 7.83 28.46 -6.39
N ILE A 140 7.50 29.57 -7.07
CA ILE A 140 7.07 30.78 -6.37
C ILE A 140 5.77 30.51 -5.60
N ALA A 141 4.80 29.87 -6.26
CA ALA A 141 3.50 29.63 -5.64
C ALA A 141 3.61 28.67 -4.46
N ILE A 142 4.36 27.58 -4.63
CA ILE A 142 4.50 26.60 -3.56
C ILE A 142 5.19 27.23 -2.36
N ALA A 143 6.27 27.99 -2.61
CA ALA A 143 7.03 28.59 -1.52
C ALA A 143 6.17 29.56 -0.73
N ARG A 144 5.42 30.42 -1.42
CA ARG A 144 4.57 31.39 -0.72
C ARG A 144 3.53 30.68 0.15
N LEU A 145 2.98 29.58 -0.37
CA LEU A 145 1.96 28.87 0.41
C LEU A 145 2.57 28.14 1.60
N VAL A 146 3.74 27.53 1.41
CA VAL A 146 4.43 26.92 2.54
C VAL A 146 4.74 27.97 3.61
N GLU A 147 5.18 29.16 3.19
CA GLU A 147 5.46 30.24 4.14
C GLU A 147 4.25 30.57 4.99
N SER A 148 3.04 30.38 4.46
CA SER A 148 1.82 30.66 5.18
C SER A 148 1.30 29.48 5.99
N GLY A 149 2.01 28.36 5.99
CA GLY A 149 1.60 27.19 6.74
C GLY A 149 0.83 26.15 5.95
N LYS A 150 0.57 26.39 4.68
CA LYS A 150 -0.18 25.45 3.85
C LYS A 150 0.77 24.61 3.02
N ILE A 151 0.43 23.34 2.85
CA ILE A 151 1.25 22.41 2.08
C ILE A 151 0.51 22.04 0.79
N ILE A 152 0.72 22.83 -0.27
CA ILE A 152 -0.06 22.75 -1.49
C ILE A 152 0.88 22.48 -2.65
N PHE A 153 0.54 21.47 -3.47
CA PHE A 153 1.34 21.19 -4.66
C PHE A 153 0.54 20.98 -5.94
N SER A 154 -0.76 20.65 -5.87
CA SER A 154 -1.50 20.38 -7.08
C SER A 154 -1.72 21.66 -7.88
N PRO A 155 -1.68 21.57 -9.22
CA PRO A 155 -1.94 22.78 -10.02
C PRO A 155 -3.27 23.44 -9.72
N ARG A 156 -4.31 22.65 -9.50
CA ARG A 156 -5.63 23.22 -9.21
C ARG A 156 -5.60 24.03 -7.92
N ALA A 157 -5.03 23.47 -6.86
CA ALA A 157 -5.02 24.17 -5.59
C ALA A 157 -4.04 25.34 -5.58
N LEU A 158 -2.93 25.23 -6.33
CA LEU A 158 -2.00 26.35 -6.43
C LEU A 158 -2.65 27.55 -7.12
N ALA A 159 -3.41 27.30 -8.18
CA ALA A 159 -4.12 28.39 -8.84
C ALA A 159 -5.19 29.00 -7.94
N LYS A 160 -5.78 28.19 -7.07
CA LYS A 160 -6.83 28.68 -6.18
C LYS A 160 -6.26 29.48 -5.02
N GLU A 161 -5.18 28.99 -4.42
CA GLU A 161 -4.63 29.59 -3.20
C GLU A 161 -3.58 30.65 -3.47
N PHE A 162 -2.98 30.66 -4.67
CA PHE A 162 -2.05 31.70 -5.09
C PHE A 162 -2.59 32.35 -6.37
N PRO A 163 -3.74 33.02 -6.27
CA PRO A 163 -4.50 33.41 -7.48
C PRO A 163 -3.92 34.61 -8.20
N ARG A 164 -2.68 34.49 -8.65
CA ARG A 164 -2.05 35.54 -9.43
C ARG A 164 -2.33 35.34 -10.92
N LYS A 165 -2.01 36.36 -11.71
CA LYS A 165 -2.36 36.37 -13.12
C LYS A 165 -1.74 35.18 -13.86
N HIS A 166 -2.59 34.41 -14.53
CA HIS A 166 -2.21 33.35 -15.48
C HIS A 166 -1.51 32.17 -14.83
N VAL A 167 -1.68 31.96 -13.52
CA VAL A 167 -0.99 30.86 -12.85
C VAL A 167 -1.40 29.52 -13.47
N SER A 168 -2.71 29.31 -13.66
CA SER A 168 -3.20 28.06 -14.22
C SER A 168 -2.68 27.84 -15.64
N ASP A 169 -2.70 28.90 -16.47
CA ASP A 169 -2.23 28.79 -17.84
C ASP A 169 -0.75 28.46 -17.90
N LEU A 170 0.05 29.07 -17.03
CA LEU A 170 1.51 28.92 -17.10
C LEU A 170 1.98 27.59 -16.53
N ILE A 171 1.34 27.12 -15.46
CA ILE A 171 1.66 25.79 -14.96
C ILE A 171 1.23 24.73 -15.96
N GLY A 172 0.13 24.96 -16.66
CA GLY A 172 -0.30 24.09 -17.75
C GLY A 172 0.68 24.01 -18.91
N LEU A 173 1.72 24.85 -18.91
CA LEU A 173 2.74 24.78 -19.94
C LEU A 173 3.73 23.64 -19.71
N ARG A 174 3.77 23.07 -18.51
CA ARG A 174 4.68 21.96 -18.23
C ARG A 174 4.42 20.75 -19.12
N ARG A 175 3.24 20.68 -19.75
CA ARG A 175 2.85 19.59 -20.64
C ARG A 175 2.63 20.11 -22.05
N SER A 176 3.47 21.04 -22.49
CA SER A 176 3.30 21.68 -23.79
C SER A 176 4.63 21.76 -24.53
N ASP A 177 4.60 21.44 -25.82
CA ASP A 177 5.71 21.69 -26.72
C ASP A 177 5.44 22.87 -27.63
N GLU A 178 4.45 23.70 -27.31
CA GLU A 178 3.98 24.76 -28.17
C GLU A 178 4.70 26.08 -27.87
N ASP A 179 5.10 26.77 -28.93
CA ASP A 179 5.77 28.07 -28.83
C ASP A 179 4.79 29.20 -29.09
N SER A 180 3.61 29.14 -28.50
CA SER A 180 2.59 30.16 -28.75
C SER A 180 3.09 31.53 -28.28
N GLN A 181 2.78 32.55 -29.09
CA GLN A 181 3.13 33.92 -28.73
C GLN A 181 2.47 34.36 -27.43
N THR A 182 1.34 33.74 -27.07
CA THR A 182 0.61 34.13 -25.87
C THR A 182 1.39 33.89 -24.58
N ARG A 183 2.49 33.12 -24.64
CA ARG A 183 3.22 32.82 -23.41
C ARG A 183 3.95 34.04 -22.87
N LYS A 184 4.49 34.88 -23.75
CA LYS A 184 5.27 36.03 -23.30
C LYS A 184 4.42 37.03 -22.53
N ARG A 185 3.28 37.42 -23.12
CA ARG A 185 2.33 38.29 -22.42
C ARG A 185 1.92 37.70 -21.09
N ARG A 186 1.54 36.42 -21.08
CA ARG A 186 1.04 35.78 -19.87
C ARG A 186 2.12 35.75 -18.79
N LEU A 187 3.34 35.36 -19.16
CA LEU A 187 4.44 35.36 -18.21
C LEU A 187 4.71 36.78 -17.70
N ALA A 188 4.68 37.77 -18.59
CA ALA A 188 4.85 39.15 -18.16
C ALA A 188 3.73 39.58 -17.23
N GLY A 189 2.49 39.17 -17.52
CA GLY A 189 1.38 39.50 -16.64
C GLY A 189 1.54 38.89 -15.26
N PHE A 190 1.97 37.62 -15.20
CA PHE A 190 2.22 36.98 -13.92
C PHE A 190 3.31 37.70 -13.14
N LEU A 191 4.43 38.00 -13.79
CA LEU A 191 5.52 38.69 -13.11
C LEU A 191 5.10 40.08 -12.62
N ASP A 192 4.28 40.78 -13.40
CA ASP A 192 3.77 42.07 -12.93
C ASP A 192 2.86 41.89 -11.73
N SER A 193 2.04 40.84 -11.73
CA SER A 193 1.07 40.63 -10.66
C SER A 193 1.74 40.28 -9.33
N ILE A 194 2.97 39.79 -9.33
CA ILE A 194 3.70 39.58 -8.09
C ILE A 194 4.74 40.67 -7.85
N ASP A 195 4.67 41.77 -8.61
CA ASP A 195 5.56 42.92 -8.43
C ASP A 195 7.03 42.50 -8.49
N SER A 196 7.34 41.65 -9.47
CA SER A 196 8.70 41.20 -9.70
C SER A 196 9.48 42.25 -10.49
N SER A 197 10.80 42.23 -10.31
CA SER A 197 11.68 43.10 -11.06
C SER A 197 12.84 42.28 -11.63
N ARG A 198 13.26 42.63 -12.84
CA ARG A 198 14.42 42.01 -13.46
C ARG A 198 15.61 42.06 -12.51
N PRO A 199 16.42 41.00 -12.45
CA PRO A 199 17.72 41.12 -11.78
C PRO A 199 18.62 42.05 -12.57
N SER A 200 19.69 42.50 -11.93
CA SER A 200 20.60 43.48 -12.54
C SER A 200 21.58 42.74 -13.44
N VAL A 201 21.07 42.35 -14.61
CA VAL A 201 21.80 41.52 -15.58
C VAL A 201 21.65 42.20 -16.94
N SER A 202 22.76 42.69 -17.48
CA SER A 202 22.71 43.55 -18.66
C SER A 202 22.67 42.80 -19.98
N SER A 203 22.83 41.48 -19.99
CA SER A 203 22.87 40.74 -21.24
C SER A 203 22.55 39.28 -20.97
N GLU A 204 22.17 38.57 -22.05
CA GLU A 204 21.95 37.14 -21.94
C GLU A 204 23.19 36.45 -21.40
N GLN A 205 24.36 36.82 -21.94
CA GLN A 205 25.62 36.20 -21.56
C GLN A 205 25.92 36.42 -20.08
N GLU A 206 25.52 37.57 -19.51
CA GLU A 206 25.73 37.83 -18.10
C GLU A 206 24.84 36.98 -17.19
N TYR A 207 23.89 36.21 -17.74
CA TYR A 207 23.00 35.44 -16.89
C TYR A 207 23.67 34.19 -16.32
N VAL A 208 24.60 33.57 -17.04
CA VAL A 208 25.29 32.41 -16.48
C VAL A 208 26.11 32.81 -15.26
N SER A 209 26.78 33.96 -15.33
CA SER A 209 27.51 34.46 -14.18
C SER A 209 26.57 34.76 -13.02
N HIS A 210 25.40 35.33 -13.31
CA HIS A 210 24.43 35.64 -12.26
C HIS A 210 23.92 34.36 -11.61
N PHE A 211 23.55 33.37 -12.43
CA PHE A 211 23.09 32.09 -11.88
C PHE A 211 24.19 31.41 -11.07
N GLU A 212 25.44 31.55 -11.50
CA GLU A 212 26.55 31.00 -10.73
C GLU A 212 26.66 31.68 -9.37
N ARG A 213 26.66 33.02 -9.36
CA ARG A 213 26.88 33.74 -8.10
C ARG A 213 25.73 33.57 -7.12
N THR A 214 24.50 33.42 -7.61
CA THR A 214 23.36 33.23 -6.72
C THR A 214 23.05 31.76 -6.46
N GLU A 215 23.89 30.86 -6.97
CA GLU A 215 23.74 29.41 -6.73
C GLU A 215 22.36 28.92 -7.17
N ASN A 216 21.88 29.42 -8.31
CA ASN A 216 20.60 29.03 -8.89
C ASN A 216 20.84 27.78 -9.74
N ARG A 217 20.76 26.62 -9.09
CA ARG A 217 21.07 25.36 -9.75
C ARG A 217 20.15 25.10 -10.93
N VAL A 218 18.85 25.31 -10.75
CA VAL A 218 17.91 25.06 -11.84
C VAL A 218 18.12 26.06 -12.97
N GLY A 219 18.45 27.31 -12.63
CA GLY A 219 18.78 28.27 -13.67
C GLY A 219 19.97 27.83 -14.50
N LEU A 220 21.03 27.37 -13.84
CA LEU A 220 22.21 26.89 -14.56
C LEU A 220 21.87 25.68 -15.42
N GLN A 221 21.17 24.70 -14.84
CA GLN A 221 20.80 23.51 -15.60
C GLN A 221 19.92 23.87 -16.79
N THR A 222 18.99 24.81 -16.60
CA THR A 222 18.16 25.27 -17.72
C THR A 222 19.03 25.88 -18.82
N LEU A 223 20.00 26.71 -18.44
CA LEU A 223 20.95 27.25 -19.42
C LEU A 223 21.66 26.12 -20.15
N HIS A 224 22.15 25.13 -19.41
CA HIS A 224 22.86 24.00 -20.01
C HIS A 224 21.98 23.30 -21.05
N GLY A 225 20.76 22.93 -20.66
CA GLY A 225 19.87 22.20 -21.55
C GLY A 225 19.38 22.99 -22.73
N LEU A 226 19.36 24.32 -22.65
CA LEU A 226 18.86 25.11 -23.76
C LEU A 226 19.79 25.10 -24.97
N LYS A 227 21.02 24.60 -24.81
CA LYS A 227 21.91 24.38 -25.94
C LYS A 227 21.24 23.50 -26.98
N ILE B 12 -18.06 2.94 5.84
CA ILE B 12 -16.74 3.52 5.99
C ILE B 12 -16.18 3.87 4.61
N GLU B 13 -15.95 5.16 4.39
CA GLU B 13 -15.54 5.64 3.08
C GLU B 13 -14.03 5.71 2.89
N ALA B 14 -13.26 5.72 3.98
CA ALA B 14 -11.81 5.79 3.88
C ALA B 14 -11.22 5.20 5.15
N LEU B 15 -10.01 4.62 5.00
CA LEU B 15 -9.35 3.93 6.09
C LEU B 15 -7.85 4.19 5.99
N MET B 16 -7.22 4.50 7.14
CA MET B 16 -5.81 4.87 7.15
C MET B 16 -5.11 4.24 8.33
N LEU B 17 -3.91 3.72 8.07
CA LEU B 17 -3.02 3.24 9.11
C LEU B 17 -2.15 4.40 9.60
N PHE B 18 -1.98 4.50 10.91
CA PHE B 18 -1.11 5.54 11.46
C PHE B 18 -0.30 4.95 12.61
N GLY B 19 0.41 5.80 13.34
CA GLY B 19 1.25 5.33 14.42
C GLY B 19 2.47 4.55 13.95
N SER B 20 2.99 3.74 14.88
CA SER B 20 4.25 3.05 14.64
C SER B 20 4.16 2.08 13.46
N ALA B 21 3.01 1.41 13.31
CA ALA B 21 2.86 0.45 12.21
C ALA B 21 2.98 1.13 10.85
N ALA B 22 2.50 2.37 10.74
CA ALA B 22 2.66 3.11 9.50
C ALA B 22 4.12 3.52 9.26
N ARG B 23 4.93 3.59 10.30
CA ARG B 23 6.34 3.89 10.13
C ARG B 23 7.19 2.64 9.95
N GLY B 24 6.57 1.45 9.91
CA GLY B 24 7.31 0.22 9.77
C GLY B 24 8.00 -0.23 11.03
N GLU B 25 7.47 0.14 12.20
CA GLU B 25 8.13 -0.12 13.47
C GLU B 25 7.24 -0.82 14.47
N SER B 26 6.03 -1.23 14.09
CA SER B 26 5.18 -2.07 14.92
C SER B 26 5.95 -3.31 15.39
N ASP B 27 6.17 -3.41 16.70
CA ASP B 27 6.87 -4.56 17.27
C ASP B 27 6.04 -5.08 18.45
N LYS B 28 6.69 -5.79 19.36
CA LYS B 28 6.02 -6.29 20.54
C LYS B 28 5.47 -5.16 21.40
N ASN B 29 4.31 -5.40 22.01
CA ASN B 29 3.63 -4.49 22.93
C ASN B 29 3.23 -3.18 22.29
N SER B 30 3.40 -3.04 20.98
CA SER B 30 3.00 -1.85 20.25
C SER B 30 1.67 -2.10 19.55
N ASP B 31 0.88 -1.05 19.40
CA ASP B 31 -0.49 -1.16 18.91
C ASP B 31 -0.57 -0.80 17.43
N VAL B 32 -1.49 -1.46 16.73
CA VAL B 32 -1.83 -1.11 15.36
C VAL B 32 -2.94 -0.07 15.38
N ASP B 33 -2.69 1.10 14.81
CA ASP B 33 -3.60 2.23 14.87
C ASP B 33 -4.27 2.42 13.51
N LEU B 34 -5.60 2.38 13.52
CA LEU B 34 -6.39 2.55 12.31
C LEU B 34 -7.38 3.70 12.48
N LEU B 35 -7.49 4.52 11.45
CA LEU B 35 -8.44 5.62 11.40
C LEU B 35 -9.50 5.32 10.35
N ALA B 36 -10.76 5.25 10.77
CA ALA B 36 -11.87 4.95 9.88
C ALA B 36 -12.75 6.19 9.74
N VAL B 37 -12.99 6.60 8.50
CA VAL B 37 -13.79 7.78 8.19
C VAL B 37 -15.20 7.32 7.81
N THR B 38 -16.20 7.76 8.57
CA THR B 38 -17.58 7.37 8.30
C THR B 38 -18.54 8.44 8.82
N SER B 39 -19.71 8.52 8.18
CA SER B 39 -20.65 9.61 8.43
C SER B 39 -21.34 9.47 9.78
N GLY B 40 -21.66 10.61 10.39
CA GLY B 40 -22.56 10.69 11.53
C GLY B 40 -22.07 10.05 12.80
N VAL B 41 -20.81 10.31 13.19
CA VAL B 41 -20.20 9.63 14.31
C VAL B 41 -19.36 10.62 15.12
N ARG B 42 -19.69 10.76 16.40
CA ARG B 42 -18.87 11.52 17.32
C ARG B 42 -17.55 10.76 17.57
N PRO B 43 -16.43 11.47 17.75
CA PRO B 43 -15.13 10.77 17.89
C PRO B 43 -15.14 9.75 19.01
N PHE B 44 -14.81 8.51 18.66
CA PHE B 44 -14.69 7.43 19.63
C PHE B 44 -13.70 6.41 19.10
N SER B 45 -13.20 5.57 20.01
CA SER B 45 -12.19 4.59 19.67
C SER B 45 -12.51 3.24 20.29
N LYS B 46 -12.33 2.19 19.50
CA LYS B 46 -12.36 0.83 19.99
C LYS B 46 -10.93 0.32 20.13
N LYS B 47 -10.65 -0.32 21.25
CA LYS B 47 -9.28 -0.70 21.61
C LYS B 47 -9.25 -2.16 22.00
N THR B 48 -8.17 -2.84 21.63
CA THR B 48 -7.92 -4.21 22.04
C THR B 48 -6.48 -4.32 22.52
N GLU B 49 -6.08 -5.55 22.85
CA GLU B 49 -4.72 -5.78 23.33
C GLU B 49 -3.68 -5.20 22.38
N GLN B 50 -3.92 -5.31 21.07
CA GLN B 50 -2.92 -4.90 20.10
C GLN B 50 -3.45 -4.00 18.99
N THR B 51 -4.70 -3.56 19.03
CA THR B 51 -5.23 -2.64 18.03
C THR B 51 -5.95 -1.47 18.68
N GLU B 52 -6.14 -0.41 17.88
CA GLU B 52 -6.84 0.79 18.30
C GLU B 52 -7.50 1.39 17.07
N LEU B 53 -8.83 1.43 17.06
CA LEU B 53 -9.61 1.78 15.87
C LEU B 53 -10.39 3.06 16.15
N GLN B 54 -9.87 4.18 15.65
CA GLN B 54 -10.48 5.49 15.85
C GLN B 54 -11.44 5.81 14.70
N PHE B 55 -12.63 6.29 15.05
CA PHE B 55 -13.64 6.68 14.06
C PHE B 55 -13.80 8.19 14.05
N LEU B 56 -13.95 8.75 12.86
CA LEU B 56 -14.21 10.17 12.66
C LEU B 56 -15.12 10.34 11.46
N ASN B 57 -15.95 11.38 11.50
CA ASN B 57 -16.73 11.77 10.34
C ASN B 57 -15.90 12.73 9.49
N PRO B 58 -16.28 12.93 8.22
CA PRO B 58 -15.49 13.82 7.36
C PRO B 58 -15.36 15.24 7.88
N GLU B 59 -16.46 15.83 8.38
CA GLU B 59 -16.39 17.21 8.86
C GLU B 59 -15.36 17.37 9.97
N GLU B 60 -15.31 16.41 10.90
CA GLU B 60 -14.36 16.52 12.00
C GLU B 60 -12.93 16.29 11.52
N LEU B 61 -12.73 15.36 10.59
CA LEU B 61 -11.39 15.15 10.05
C LEU B 61 -10.87 16.43 9.39
N LEU B 62 -11.70 17.06 8.56
CA LEU B 62 -11.26 18.27 7.88
C LEU B 62 -11.09 19.43 8.86
N ARG B 63 -11.93 19.51 9.90
CA ARG B 63 -11.74 20.54 10.91
C ARG B 63 -10.37 20.41 11.57
N SER B 64 -9.95 19.17 11.87
CA SER B 64 -8.65 18.97 12.49
C SER B 64 -7.52 19.49 11.61
N ALA B 65 -7.69 19.38 10.29
CA ALA B 65 -6.71 19.97 9.38
C ALA B 65 -6.76 21.49 9.40
N SER B 66 -7.95 22.07 9.23
CA SER B 66 -8.09 23.53 9.21
C SER B 66 -7.56 24.16 10.48
N ASP B 67 -7.77 23.51 11.63
CA ASP B 67 -7.29 24.01 12.91
C ASP B 67 -5.83 23.68 13.18
N GLY B 68 -5.19 22.93 12.29
CA GLY B 68 -3.79 22.56 12.49
C GLY B 68 -3.53 21.70 13.70
N ASP B 69 -4.49 20.84 14.06
CA ASP B 69 -4.29 19.92 15.17
C ASP B 69 -2.98 19.16 15.01
N LEU B 70 -2.23 19.02 16.10
CA LEU B 70 -0.98 18.25 16.05
C LEU B 70 -1.24 16.83 15.54
N PHE B 71 -2.33 16.21 15.98
CA PHE B 71 -2.64 14.84 15.54
C PHE B 71 -2.91 14.80 14.04
N ALA B 72 -3.58 15.83 13.50
CA ALA B 72 -3.83 15.87 12.07
C ALA B 72 -2.52 15.97 11.29
N ILE B 73 -1.53 16.69 11.84
CA ILE B 73 -0.23 16.76 11.18
C ILE B 73 0.41 15.37 11.08
N HIS B 74 0.24 14.55 12.13
CA HIS B 74 0.74 13.18 12.08
C HIS B 74 0.06 12.39 10.96
N LEU B 75 -1.28 12.47 10.90
CA LEU B 75 -2.01 11.75 9.86
C LEU B 75 -1.56 12.16 8.47
N ALA B 76 -1.33 13.46 8.26
CA ALA B 76 -1.01 13.98 6.94
C ALA B 76 0.39 13.58 6.49
N PHE B 77 1.36 13.61 7.41
CA PHE B 77 2.76 13.35 7.04
C PHE B 77 3.20 11.91 7.26
N GLU B 78 2.46 11.11 8.02
CA GLU B 78 2.85 9.72 8.29
C GLU B 78 1.76 8.69 8.04
N GLY B 79 0.50 9.08 7.87
CA GLY B 79 -0.54 8.10 7.67
C GLY B 79 -0.40 7.40 6.33
N LYS B 80 -0.75 6.12 6.31
CA LYS B 80 -0.78 5.33 5.08
C LYS B 80 -2.24 5.06 4.74
N ILE B 81 -2.66 5.54 3.57
CA ILE B 81 -4.04 5.37 3.13
C ILE B 81 -4.23 3.93 2.66
N ILE B 82 -5.15 3.22 3.31
CA ILE B 82 -5.48 1.86 2.88
C ILE B 82 -6.47 1.88 1.73
N PHE B 83 -7.53 2.68 1.86
CA PHE B 83 -8.37 3.01 0.72
C PHE B 83 -9.08 4.33 1.00
N ASP B 84 -9.56 4.96 -0.07
CA ASP B 84 -10.26 6.25 0.04
C ASP B 84 -11.15 6.37 -1.20
N THR B 85 -12.45 6.09 -1.03
CA THR B 85 -13.39 6.08 -2.14
C THR B 85 -13.99 7.45 -2.45
N THR B 86 -13.84 8.43 -1.55
CA THR B 86 -14.43 9.74 -1.77
C THR B 86 -13.41 10.85 -1.95
N GLY B 87 -12.12 10.55 -1.79
CA GLY B 87 -11.09 11.57 -1.85
C GLY B 87 -10.99 12.43 -0.61
N VAL B 88 -11.61 12.01 0.49
CA VAL B 88 -11.68 12.86 1.69
C VAL B 88 -10.29 13.16 2.23
N PHE B 89 -9.36 12.20 2.12
CA PHE B 89 -8.02 12.44 2.61
C PHE B 89 -7.26 13.47 1.77
N THR B 90 -7.63 13.63 0.49
CA THR B 90 -7.02 14.70 -0.29
C THR B 90 -7.59 16.06 0.08
N ARG B 91 -8.91 16.16 0.29
CA ARG B 91 -9.47 17.40 0.80
C ARG B 91 -8.96 17.70 2.20
N PHE B 92 -8.70 16.65 2.99
CA PHE B 92 -8.08 16.81 4.30
C PHE B 92 -6.72 17.50 4.19
N LYS B 93 -5.84 16.97 3.34
CA LYS B 93 -4.50 17.53 3.24
C LYS B 93 -4.52 18.93 2.64
N GLU B 94 -5.46 19.21 1.73
CA GLU B 94 -5.51 20.54 1.15
C GLU B 94 -6.09 21.58 2.13
N ARG B 95 -6.73 21.13 3.21
CA ARG B 95 -7.21 22.04 4.26
C ARG B 95 -6.18 22.29 5.34
N LEU B 96 -5.10 21.51 5.39
CA LEU B 96 -4.19 21.59 6.51
C LEU B 96 -3.50 22.95 6.56
N VAL B 97 -3.51 23.58 7.73
CA VAL B 97 -2.78 24.80 7.97
C VAL B 97 -1.97 24.59 9.25
N ILE B 98 -0.66 24.45 9.11
CA ILE B 98 0.21 24.36 10.27
C ILE B 98 0.24 25.73 10.96
N ARG B 99 -0.18 25.77 12.22
CA ARG B 99 -0.25 27.03 12.94
C ARG B 99 1.16 27.59 13.14
N LYS B 100 1.25 28.90 13.29
CA LYS B 100 2.55 29.51 13.54
C LYS B 100 2.99 29.35 14.99
N ASP B 101 2.07 29.07 15.90
CA ASP B 101 2.36 28.95 17.32
C ASP B 101 1.50 27.84 17.89
N TYR B 102 2.12 26.99 18.73
CA TYR B 102 1.41 25.94 19.44
C TYR B 102 1.50 26.16 20.95
N GLY B 103 1.58 27.42 21.37
CA GLY B 103 1.70 27.74 22.79
C GLY B 103 0.49 27.27 23.58
N ARG B 104 -0.70 27.34 22.99
CA ARG B 104 -1.89 26.87 23.67
C ARG B 104 -1.76 25.38 24.01
N GLU B 105 -1.32 24.57 23.04
CA GLU B 105 -1.18 23.14 23.26
C GLU B 105 -0.07 22.85 24.26
N ILE B 106 1.03 23.60 24.18
CA ILE B 106 2.13 23.43 25.14
C ILE B 106 1.66 23.74 26.56
N LYS B 107 0.86 24.79 26.74
CA LYS B 107 0.37 25.14 28.08
C LYS B 107 -0.58 24.08 28.60
N TRP B 108 -1.41 23.50 27.72
CA TRP B 108 -2.31 22.43 28.15
C TRP B 108 -1.55 21.23 28.67
N GLY B 109 -0.45 20.86 28.00
CA GLY B 109 0.35 19.74 28.47
C GLY B 109 1.12 20.06 29.73
N ASN B 110 1.68 21.26 29.80
CA ASN B 110 2.35 21.70 31.02
C ASN B 110 1.40 21.68 32.21
N ASP B 111 0.20 22.26 32.04
CA ASP B 111 -0.73 22.37 33.14
C ASP B 111 -1.20 21.00 33.63
N LEU B 112 -1.51 20.09 32.70
CA LEU B 112 -1.92 18.75 33.11
C LEU B 112 -0.78 18.01 33.78
N ALA B 113 0.46 18.24 33.34
CA ALA B 113 1.61 17.59 33.97
C ALA B 113 1.74 18.02 35.43
N TRP B 114 1.54 19.30 35.71
CA TRP B 114 1.59 19.76 37.10
C TRP B 114 0.46 19.15 37.92
N TYR B 115 -0.74 19.06 37.35
CA TYR B 115 -1.84 18.43 38.08
C TYR B 115 -1.51 17.00 38.42
N LEU B 116 -0.97 16.25 37.45
CA LEU B 116 -0.61 14.87 37.72
C LEU B 116 0.51 14.80 38.76
N LEU B 117 1.50 15.68 38.67
CA LEU B 117 2.55 15.72 39.67
C LEU B 117 1.99 15.99 41.07
N ASP B 118 1.06 16.93 41.19
CA ASP B 118 0.56 17.35 42.50
C ASP B 118 -0.46 16.40 43.08
N PHE B 119 -1.29 15.78 42.25
CA PHE B 119 -2.45 15.05 42.72
C PHE B 119 -2.63 13.66 42.11
N GLY B 120 -1.83 13.27 41.11
CA GLY B 120 -2.07 12.03 40.42
C GLY B 120 -1.12 10.89 40.74
N MET B 121 0.01 11.19 41.38
CA MET B 121 1.04 10.17 41.59
C MET B 121 0.61 9.08 42.55
N ASN B 122 -0.55 9.18 43.19
CA ASN B 122 -1.06 8.14 44.08
C ASN B 122 -2.50 7.77 43.74
N ALA B 123 -2.98 8.12 42.56
CA ALA B 123 -4.33 7.79 42.17
C ALA B 123 -4.51 6.27 42.09
N GLU B 124 -5.76 5.83 42.20
CA GLU B 124 -6.06 4.42 42.03
C GLU B 124 -5.70 3.96 40.62
N ASN B 125 -6.10 4.74 39.62
CA ASN B 125 -5.92 4.39 38.21
C ASN B 125 -4.50 4.75 37.78
N THR B 126 -3.55 3.94 38.22
CA THR B 126 -2.14 4.18 37.90
C THR B 126 -1.90 4.13 36.39
N THR B 127 -2.60 3.23 35.69
CA THR B 127 -2.40 3.10 34.25
C THR B 127 -2.75 4.39 33.52
N LEU B 128 -3.89 5.00 33.87
CA LEU B 128 -4.31 6.22 33.20
C LEU B 128 -3.36 7.38 33.52
N VAL B 129 -2.89 7.47 34.76
CA VAL B 129 -1.93 8.50 35.12
C VAL B 129 -0.68 8.39 34.25
N ASN B 130 -0.12 7.18 34.17
CA ASN B 130 1.07 6.98 33.35
C ASN B 130 0.80 7.33 31.89
N LYS B 131 -0.34 6.91 31.35
CA LYS B 131 -0.67 7.23 29.97
C LYS B 131 -0.75 8.75 29.76
N ARG B 132 -1.30 9.47 30.73
CA ARG B 132 -1.47 10.90 30.52
C ARG B 132 -0.21 11.69 30.86
N ILE B 133 0.65 11.17 31.73
CA ILE B 133 1.99 11.75 31.87
C ILE B 133 2.70 11.74 30.53
N ALA B 134 2.68 10.58 29.85
CA ALA B 134 3.31 10.48 28.54
C ALA B 134 2.65 11.40 27.53
N TRP B 135 1.33 11.57 27.60
CA TRP B 135 0.65 12.50 26.70
C TRP B 135 1.16 13.92 26.91
N CYS B 136 1.31 14.35 28.17
CA CYS B 136 1.83 15.69 28.44
C CYS B 136 3.21 15.88 27.81
N VAL B 137 4.11 14.93 28.05
CA VAL B 137 5.47 15.04 27.56
C VAL B 137 5.51 14.97 26.04
N ARG B 138 4.77 14.03 25.45
CA ARG B 138 4.72 13.94 24.00
C ARG B 138 4.14 15.20 23.38
N THR B 139 3.07 15.74 23.98
CA THR B 139 2.44 16.94 23.41
C THR B 139 3.40 18.12 23.42
N ILE B 140 4.11 18.33 24.53
CA ILE B 140 5.06 19.43 24.61
C ILE B 140 6.17 19.26 23.59
N ALA B 141 6.74 18.05 23.52
CA ALA B 141 7.82 17.77 22.57
C ALA B 141 7.36 17.95 21.13
N ILE B 142 6.26 17.31 20.75
CA ILE B 142 5.73 17.44 19.39
C ILE B 142 5.47 18.90 19.05
N ALA B 143 4.78 19.63 19.95
CA ALA B 143 4.41 21.01 19.67
C ALA B 143 5.65 21.88 19.45
N ARG B 144 6.65 21.75 20.31
CA ARG B 144 7.83 22.58 20.16
C ARG B 144 8.66 22.19 18.95
N LEU B 145 8.64 20.92 18.57
CA LEU B 145 9.35 20.51 17.36
C LEU B 145 8.59 20.96 16.11
N VAL B 146 7.26 20.90 16.14
CA VAL B 146 6.47 21.40 15.01
C VAL B 146 6.68 22.90 14.83
N GLU B 147 6.71 23.65 15.94
CA GLU B 147 7.00 25.08 15.84
C GLU B 147 8.34 25.35 15.18
N SER B 148 9.30 24.44 15.34
CA SER B 148 10.62 24.61 14.74
C SER B 148 10.70 24.08 13.31
N GLY B 149 9.58 23.59 12.76
CA GLY B 149 9.54 23.12 11.38
C GLY B 149 9.71 21.62 11.18
N LYS B 150 9.63 20.83 12.24
CA LYS B 150 9.84 19.40 12.14
C LYS B 150 8.51 18.65 12.16
N ILE B 151 8.57 17.38 11.79
CA ILE B 151 7.37 16.53 11.75
C ILE B 151 7.65 15.24 12.53
N ILE B 152 8.03 15.38 13.80
CA ILE B 152 8.48 14.25 14.62
C ILE B 152 7.34 13.78 15.51
N PHE B 153 7.09 12.47 15.51
CA PHE B 153 6.07 11.89 16.38
C PHE B 153 6.47 10.59 17.06
N SER B 154 7.48 9.87 16.60
CA SER B 154 7.83 8.61 17.24
C SER B 154 8.52 8.87 18.58
N PRO B 155 8.30 8.02 19.59
CA PRO B 155 8.94 8.24 20.90
C PRO B 155 10.45 8.38 20.83
N ARG B 156 11.11 7.54 20.01
CA ARG B 156 12.57 7.57 19.95
C ARG B 156 13.07 8.88 19.34
N ALA B 157 12.47 9.34 18.25
CA ALA B 157 12.92 10.58 17.64
C ALA B 157 12.57 11.79 18.48
N LEU B 158 11.44 11.76 19.19
CA LEU B 158 11.12 12.86 20.10
C LEU B 158 12.18 13.00 21.19
N ALA B 159 12.67 11.89 21.73
CA ALA B 159 13.68 11.97 22.78
C ALA B 159 15.02 12.46 22.23
N LYS B 160 15.33 12.11 20.98
CA LYS B 160 16.58 12.58 20.37
C LYS B 160 16.50 14.07 20.03
N GLU B 161 15.37 14.49 19.43
CA GLU B 161 15.23 15.87 18.96
C GLU B 161 14.77 16.83 20.04
N PHE B 162 14.18 16.33 21.13
CA PHE B 162 13.76 17.15 22.27
C PHE B 162 14.37 16.55 23.53
N PRO B 163 15.72 16.61 23.67
CA PRO B 163 16.43 15.84 24.70
C PRO B 163 16.41 16.45 26.09
N ARG B 164 15.22 16.77 26.57
CA ARG B 164 15.12 17.31 27.92
C ARG B 164 15.22 16.17 28.94
N LYS B 165 15.28 16.53 30.22
CA LYS B 165 15.54 15.54 31.26
C LYS B 165 14.40 14.52 31.30
N HIS B 166 14.77 13.23 31.22
CA HIS B 166 13.88 12.09 31.41
C HIS B 166 12.80 11.96 30.32
N VAL B 167 12.96 12.60 29.16
CA VAL B 167 11.91 12.53 28.15
C VAL B 167 11.62 11.09 27.77
N SER B 168 12.68 10.27 27.63
CA SER B 168 12.50 8.89 27.20
C SER B 168 11.80 8.06 28.27
N ASP B 169 12.21 8.21 29.53
CA ASP B 169 11.55 7.48 30.63
C ASP B 169 10.07 7.83 30.70
N LEU B 170 9.73 9.10 30.50
CA LEU B 170 8.36 9.55 30.73
C LEU B 170 7.44 9.19 29.57
N ILE B 171 7.93 9.29 28.33
CA ILE B 171 7.14 8.78 27.21
C ILE B 171 6.94 7.29 27.35
N GLY B 172 7.94 6.58 27.87
CA GLY B 172 7.83 5.14 28.10
C GLY B 172 6.77 4.74 29.10
N LEU B 173 6.24 5.68 29.88
CA LEU B 173 5.15 5.35 30.79
C LEU B 173 3.82 5.13 30.07
N ARG B 174 3.76 5.36 28.75
CA ARG B 174 2.48 5.40 28.04
C ARG B 174 1.75 4.07 28.04
N ARG B 175 2.46 2.95 28.20
CA ARG B 175 1.88 1.62 28.27
C ARG B 175 2.27 0.92 29.56
N SER B 176 2.37 1.66 30.66
CA SER B 176 2.93 1.13 31.90
C SER B 176 1.94 1.24 33.04
N ASP B 177 2.01 0.27 33.97
CA ASP B 177 1.31 0.35 35.24
C ASP B 177 2.28 0.51 36.41
N GLU B 178 3.54 0.87 36.14
CA GLU B 178 4.49 1.19 37.19
C GLU B 178 3.95 2.28 38.10
N ASP B 179 4.10 2.09 39.41
CA ASP B 179 3.74 3.12 40.39
C ASP B 179 4.94 3.55 41.21
N SER B 180 6.14 3.44 40.64
CA SER B 180 7.35 3.76 41.37
C SER B 180 7.35 5.21 41.83
N GLN B 181 7.96 5.45 42.99
CA GLN B 181 8.14 6.81 43.48
C GLN B 181 9.06 7.62 42.57
N THR B 182 9.82 6.96 41.70
CA THR B 182 10.74 7.68 40.83
C THR B 182 10.00 8.50 39.79
N ARG B 183 8.74 8.14 39.49
CA ARG B 183 7.99 8.85 38.45
C ARG B 183 7.83 10.32 38.79
N LYS B 184 7.52 10.63 40.06
CA LYS B 184 7.29 12.04 40.41
C LYS B 184 8.57 12.85 40.29
N ARG B 185 9.71 12.28 40.70
CA ARG B 185 10.97 13.01 40.61
C ARG B 185 11.43 13.16 39.17
N ARG B 186 11.14 12.17 38.33
CA ARG B 186 11.48 12.30 36.91
C ARG B 186 10.61 13.35 36.24
N LEU B 187 9.30 13.34 36.54
CA LEU B 187 8.41 14.35 35.98
C LEU B 187 8.80 15.74 36.44
N ALA B 188 9.13 15.90 37.72
CA ALA B 188 9.57 17.19 38.22
C ALA B 188 10.86 17.64 37.55
N GLY B 189 11.78 16.70 37.31
CA GLY B 189 12.99 17.05 36.58
C GLY B 189 12.70 17.50 35.16
N PHE B 190 11.83 16.79 34.46
CA PHE B 190 11.45 17.21 33.11
C PHE B 190 10.88 18.62 33.11
N LEU B 191 9.92 18.88 34.01
CA LEU B 191 9.31 20.21 34.08
C LEU B 191 10.33 21.28 34.38
N ASP B 192 11.29 20.98 35.26
CA ASP B 192 12.35 21.94 35.56
C ASP B 192 13.22 22.20 34.34
N SER B 193 13.51 21.16 33.55
CA SER B 193 14.41 21.32 32.42
C SER B 193 13.79 22.12 31.28
N ILE B 194 12.46 22.19 31.20
CA ILE B 194 11.80 23.09 30.26
C ILE B 194 11.34 24.38 30.95
N ASP B 195 11.79 24.61 32.18
CA ASP B 195 11.45 25.81 32.95
C ASP B 195 9.94 26.04 32.96
N SER B 196 9.19 24.98 33.24
CA SER B 196 7.75 25.09 33.35
C SER B 196 7.36 25.84 34.62
N SER B 197 6.32 26.65 34.52
CA SER B 197 5.75 27.33 35.68
C SER B 197 4.44 26.64 36.02
N ARG B 198 4.31 26.23 37.28
CA ARG B 198 3.10 25.58 37.76
C ARG B 198 1.95 26.57 37.69
N PRO B 199 0.74 26.12 37.35
CA PRO B 199 -0.41 27.05 37.31
C PRO B 199 -0.65 27.66 38.68
N SER B 200 -1.25 28.86 38.68
CA SER B 200 -1.54 29.59 39.91
C SER B 200 -2.82 29.03 40.55
N VAL B 201 -2.71 27.79 41.00
CA VAL B 201 -3.80 27.11 41.70
C VAL B 201 -3.24 26.58 43.01
N SER B 202 -4.12 26.46 44.01
CA SER B 202 -3.71 26.01 45.34
C SER B 202 -4.47 24.78 45.81
N SER B 203 -5.31 24.19 44.97
CA SER B 203 -6.16 23.08 45.38
C SER B 203 -6.56 22.31 44.14
N GLU B 204 -7.06 21.09 44.36
CA GLU B 204 -7.56 20.30 43.23
C GLU B 204 -8.79 20.95 42.61
N GLN B 205 -9.68 21.46 43.46
CA GLN B 205 -10.84 22.21 42.97
C GLN B 205 -10.43 23.35 42.04
N GLU B 206 -9.33 24.03 42.35
CA GLU B 206 -8.88 25.12 41.49
C GLU B 206 -8.22 24.62 40.21
N TYR B 207 -7.60 23.43 40.23
CA TYR B 207 -7.16 22.83 38.97
C TYR B 207 -8.34 22.58 38.05
N VAL B 208 -9.44 22.08 38.61
CA VAL B 208 -10.64 21.82 37.81
C VAL B 208 -11.14 23.10 37.17
N SER B 209 -11.27 24.17 37.97
CA SER B 209 -11.69 25.46 37.43
C SER B 209 -10.69 25.99 36.41
N HIS B 210 -9.40 25.73 36.63
CA HIS B 210 -8.37 26.16 35.68
C HIS B 210 -8.50 25.43 34.35
N PHE B 211 -8.72 24.10 34.39
CA PHE B 211 -8.90 23.34 33.16
C PHE B 211 -10.16 23.80 32.42
N GLU B 212 -11.23 24.07 33.15
CA GLU B 212 -12.45 24.57 32.52
C GLU B 212 -12.22 25.91 31.85
N ARG B 213 -11.58 26.85 32.57
CA ARG B 213 -11.41 28.21 32.06
C ARG B 213 -10.48 28.22 30.84
N THR B 214 -9.41 27.44 30.88
CA THR B 214 -8.46 27.37 29.78
C THR B 214 -8.87 26.37 28.71
N GLU B 215 -10.02 25.72 28.87
CA GLU B 215 -10.58 24.79 27.89
C GLU B 215 -9.59 23.66 27.56
N ASN B 216 -9.01 23.10 28.63
CA ASN B 216 -8.08 21.98 28.52
C ASN B 216 -8.91 20.70 28.52
N ARG B 217 -9.30 20.26 27.32
CA ARG B 217 -10.21 19.12 27.19
C ARG B 217 -9.56 17.82 27.66
N VAL B 218 -8.26 17.62 27.39
CA VAL B 218 -7.62 16.40 27.84
C VAL B 218 -7.39 16.42 29.35
N GLY B 219 -7.06 17.57 29.91
CA GLY B 219 -6.98 17.68 31.37
C GLY B 219 -8.30 17.36 32.02
N LEU B 220 -9.40 17.86 31.45
CA LEU B 220 -10.72 17.56 31.98
C LEU B 220 -11.10 16.09 31.78
N GLN B 221 -10.80 15.53 30.61
CA GLN B 221 -11.10 14.11 30.41
C GLN B 221 -10.26 13.24 31.34
N THR B 222 -9.00 13.62 31.55
CA THR B 222 -8.15 12.87 32.48
C THR B 222 -8.74 12.89 33.89
N LEU B 223 -9.04 14.09 34.40
CA LEU B 223 -9.64 14.23 35.72
C LEU B 223 -10.89 13.37 35.86
N HIS B 224 -11.84 13.54 34.93
CA HIS B 224 -13.03 12.71 34.90
C HIS B 224 -12.69 11.23 34.98
N GLY B 225 -11.78 10.78 34.12
CA GLY B 225 -11.43 9.37 34.08
C GLY B 225 -10.76 8.85 35.34
N LEU B 226 -10.04 9.73 36.05
CA LEU B 226 -9.40 9.31 37.29
C LEU B 226 -10.39 9.12 38.44
N LYS B 227 -11.67 9.41 38.23
CA LYS B 227 -12.67 9.30 39.29
C LYS B 227 -13.94 8.62 38.78
N SER C 11 3.33 -7.02 18.18
CA SER C 11 2.72 -8.32 18.46
C SER C 11 1.82 -8.77 17.32
N ILE C 12 1.22 -7.82 16.60
CA ILE C 12 0.63 -8.10 15.29
C ILE C 12 1.75 -7.93 14.27
N GLU C 13 2.13 -9.02 13.62
CA GLU C 13 3.27 -8.97 12.72
C GLU C 13 2.89 -8.69 11.27
N ALA C 14 1.61 -8.83 10.91
CA ALA C 14 1.18 -8.51 9.55
C ALA C 14 -0.32 -8.20 9.55
N LEU C 15 -0.73 -7.41 8.56
CA LEU C 15 -2.10 -6.94 8.45
C LEU C 15 -2.51 -6.91 6.98
N MET C 16 -3.71 -7.41 6.69
CA MET C 16 -4.16 -7.55 5.32
C MET C 16 -5.62 -7.11 5.20
N LEU C 17 -5.92 -6.37 4.13
CA LEU C 17 -7.29 -6.05 3.76
C LEU C 17 -7.79 -7.12 2.80
N PHE C 18 -9.02 -7.62 3.04
CA PHE C 18 -9.61 -8.61 2.13
C PHE C 18 -11.08 -8.26 1.95
N GLY C 19 -11.80 -9.12 1.25
CA GLY C 19 -13.22 -8.88 1.02
C GLY C 19 -13.49 -7.80 -0.02
N SER C 20 -14.72 -7.27 0.03
CA SER C 20 -15.17 -6.32 -0.98
C SER C 20 -14.29 -5.08 -1.02
N ALA C 21 -13.80 -4.62 0.14
CA ALA C 21 -12.98 -3.42 0.16
C ALA C 21 -11.64 -3.65 -0.52
N ALA C 22 -11.07 -4.85 -0.39
CA ALA C 22 -9.85 -5.18 -1.10
C ALA C 22 -10.09 -5.22 -2.61
N ARG C 23 -11.29 -5.60 -3.03
CA ARG C 23 -11.64 -5.58 -4.45
C ARG C 23 -12.07 -4.21 -4.94
N GLY C 24 -12.31 -3.26 -4.05
CA GLY C 24 -12.78 -1.94 -4.45
C GLY C 24 -14.25 -1.89 -4.79
N GLU C 25 -15.02 -2.89 -4.40
CA GLU C 25 -16.42 -3.00 -4.79
C GLU C 25 -17.33 -3.01 -3.56
N SER C 26 -17.37 -1.90 -2.83
CA SER C 26 -18.07 -1.85 -1.56
C SER C 26 -19.46 -1.25 -1.71
N ASP C 27 -20.42 -1.85 -1.01
CA ASP C 27 -21.80 -1.38 -0.98
C ASP C 27 -22.00 -0.41 0.18
N LYS C 28 -23.21 0.14 0.29
CA LYS C 28 -23.52 1.03 1.41
C LYS C 28 -23.39 0.29 2.74
N ASN C 29 -23.96 -0.90 2.84
CA ASN C 29 -23.89 -1.71 4.05
C ASN C 29 -22.90 -2.86 3.89
N SER C 30 -21.74 -2.59 3.29
CA SER C 30 -20.67 -3.57 3.17
C SER C 30 -19.67 -3.37 4.31
N ASP C 31 -19.09 -4.48 4.76
CA ASP C 31 -18.11 -4.45 5.82
C ASP C 31 -16.71 -4.18 5.26
N VAL C 32 -15.83 -3.71 6.14
CA VAL C 32 -14.41 -3.63 5.87
C VAL C 32 -13.75 -4.81 6.58
N ASP C 33 -13.07 -5.65 5.82
CA ASP C 33 -12.53 -6.91 6.32
C ASP C 33 -11.02 -6.79 6.48
N LEU C 34 -10.54 -7.06 7.69
CA LEU C 34 -9.12 -6.96 8.01
C LEU C 34 -8.67 -8.24 8.70
N LEU C 35 -7.49 -8.73 8.31
CA LEU C 35 -6.90 -9.91 8.90
C LEU C 35 -5.60 -9.51 9.59
N ALA C 36 -5.53 -9.76 10.90
CA ALA C 36 -4.36 -9.45 11.71
C ALA C 36 -3.67 -10.76 12.06
N VAL C 37 -2.40 -10.88 11.68
CA VAL C 37 -1.61 -12.07 11.98
C VAL C 37 -0.81 -11.79 13.25
N THR C 38 -1.07 -12.57 14.29
CA THR C 38 -0.45 -12.36 15.59
C THR C 38 -0.25 -13.71 16.27
N SER C 39 0.96 -13.96 16.75
CA SER C 39 1.28 -15.27 17.30
C SER C 39 0.72 -15.41 18.72
N GLY C 40 0.35 -16.65 19.05
CA GLY C 40 -0.05 -16.97 20.41
C GLY C 40 -1.51 -16.80 20.74
N VAL C 41 -2.40 -16.89 19.75
CA VAL C 41 -3.85 -16.76 19.97
C VAL C 41 -4.57 -17.78 19.09
N ARG C 42 -5.79 -18.13 19.51
CA ARG C 42 -6.73 -18.91 18.71
C ARG C 42 -7.51 -17.99 17.79
N PRO C 43 -8.13 -18.52 16.73
CA PRO C 43 -8.90 -17.66 15.82
C PRO C 43 -10.07 -17.00 16.52
N PHE C 44 -10.20 -15.69 16.34
CA PHE C 44 -11.37 -14.94 16.80
C PHE C 44 -11.49 -13.68 15.95
N SER C 45 -12.65 -13.03 16.05
CA SER C 45 -12.91 -11.83 15.26
C SER C 45 -13.54 -10.77 16.13
N LYS C 46 -13.09 -9.53 15.93
CA LYS C 46 -13.69 -8.36 16.56
C LYS C 46 -14.49 -7.61 15.51
N LYS C 47 -15.80 -7.49 15.73
CA LYS C 47 -16.71 -6.92 14.76
C LYS C 47 -17.32 -5.64 15.31
N THR C 48 -17.37 -4.60 14.49
CA THR C 48 -18.12 -3.39 14.81
C THR C 48 -19.19 -3.19 13.74
N GLU C 49 -19.79 -2.00 13.75
CA GLU C 49 -20.86 -1.68 12.81
C GLU C 49 -20.46 -2.00 11.38
N GLN C 50 -19.29 -1.53 10.94
CA GLN C 50 -18.86 -1.69 9.57
C GLN C 50 -17.48 -2.31 9.41
N THR C 51 -16.93 -2.93 10.46
CA THR C 51 -15.62 -3.56 10.38
C THR C 51 -15.67 -4.97 10.94
N GLU C 52 -14.95 -5.88 10.29
CA GLU C 52 -14.68 -7.20 10.83
C GLU C 52 -13.17 -7.39 10.87
N LEU C 53 -12.62 -7.55 12.07
CA LEU C 53 -11.18 -7.74 12.27
C LEU C 53 -10.95 -9.19 12.69
N GLN C 54 -10.33 -9.97 11.82
CA GLN C 54 -10.07 -11.39 12.07
C GLN C 54 -8.64 -11.56 12.53
N PHE C 55 -8.44 -12.34 13.60
CA PHE C 55 -7.12 -12.63 14.13
C PHE C 55 -6.77 -14.10 13.88
N LEU C 56 -5.54 -14.34 13.42
CA LEU C 56 -5.00 -15.69 13.19
C LEU C 56 -3.53 -15.69 13.56
N ASN C 57 -3.06 -16.83 14.10
CA ASN C 57 -1.61 -16.92 14.33
C ASN C 57 -0.92 -17.45 13.09
N PRO C 58 0.40 -17.28 12.97
CA PRO C 58 1.08 -17.67 11.72
C PRO C 58 0.96 -19.15 11.40
N GLU C 59 1.08 -20.00 12.42
CA GLU C 59 1.03 -21.44 12.20
C GLU C 59 -0.30 -21.86 11.61
N GLU C 60 -1.41 -21.28 12.10
CA GLU C 60 -2.72 -21.60 11.57
C GLU C 60 -2.88 -21.07 10.15
N LEU C 61 -2.30 -19.90 9.88
CA LEU C 61 -2.40 -19.32 8.54
C LEU C 61 -1.67 -20.18 7.51
N LEU C 62 -0.44 -20.59 7.82
CA LEU C 62 0.32 -21.43 6.89
C LEU C 62 -0.34 -22.79 6.72
N ARG C 63 -0.86 -23.36 7.82
CA ARG C 63 -1.53 -24.65 7.74
C ARG C 63 -2.76 -24.57 6.83
N SER C 64 -3.54 -23.48 6.95
CA SER C 64 -4.70 -23.30 6.08
C SER C 64 -4.29 -23.24 4.61
N ALA C 65 -3.16 -22.58 4.32
CA ALA C 65 -2.64 -22.59 2.96
C ALA C 65 -2.31 -24.01 2.50
N SER C 66 -1.61 -24.77 3.35
CA SER C 66 -1.23 -26.13 2.98
C SER C 66 -2.44 -27.02 2.74
N ASP C 67 -3.55 -26.75 3.44
CA ASP C 67 -4.80 -27.48 3.26
C ASP C 67 -5.57 -27.06 2.02
N GLY C 68 -5.18 -25.97 1.37
CA GLY C 68 -5.96 -25.44 0.26
C GLY C 68 -7.32 -24.91 0.65
N ASP C 69 -7.47 -24.43 1.89
CA ASP C 69 -8.73 -23.84 2.33
C ASP C 69 -9.17 -22.75 1.35
N LEU C 70 -10.47 -22.75 1.04
CA LEU C 70 -11.00 -21.78 0.09
C LEU C 70 -10.75 -20.36 0.58
N PHE C 71 -10.88 -20.14 1.89
CA PHE C 71 -10.61 -18.81 2.43
C PHE C 71 -9.14 -18.43 2.25
N ALA C 72 -8.24 -19.40 2.36
CA ALA C 72 -6.82 -19.10 2.15
C ALA C 72 -6.57 -18.70 0.70
N ILE C 73 -7.28 -19.32 -0.24
CA ILE C 73 -7.15 -18.92 -1.64
C ILE C 73 -7.59 -17.48 -1.83
N HIS C 74 -8.70 -17.10 -1.20
CA HIS C 74 -9.17 -15.71 -1.29
C HIS C 74 -8.10 -14.74 -0.80
N LEU C 75 -7.49 -15.02 0.35
CA LEU C 75 -6.46 -14.14 0.87
C LEU C 75 -5.28 -14.03 -0.10
N ALA C 76 -4.88 -15.16 -0.69
CA ALA C 76 -3.72 -15.15 -1.57
C ALA C 76 -4.01 -14.41 -2.87
N PHE C 77 -5.24 -14.52 -3.36
CA PHE C 77 -5.64 -14.01 -4.67
C PHE C 77 -6.12 -12.55 -4.63
N GLU C 78 -6.73 -12.12 -3.53
CA GLU C 78 -7.36 -10.80 -3.47
C GLU C 78 -6.92 -9.94 -2.28
N GLY C 79 -6.28 -10.50 -1.27
CA GLY C 79 -5.88 -9.71 -0.12
C GLY C 79 -4.84 -8.67 -0.47
N LYS C 80 -4.98 -7.50 0.12
CA LYS C 80 -3.99 -6.43 -0.01
C LYS C 80 -3.18 -6.37 1.27
N ILE C 81 -1.87 -6.60 1.18
CA ILE C 81 -1.01 -6.55 2.34
C ILE C 81 -0.83 -5.10 2.76
N ILE C 82 -1.26 -4.77 3.98
CA ILE C 82 -1.04 -3.43 4.51
C ILE C 82 0.36 -3.30 5.11
N PHE C 83 0.77 -4.27 5.93
CA PHE C 83 2.17 -4.42 6.27
C PHE C 83 2.44 -5.87 6.63
N ASP C 84 3.72 -6.23 6.60
CA ASP C 84 4.16 -7.60 6.91
C ASP C 84 5.62 -7.51 7.32
N THR C 85 5.86 -7.56 8.63
CA THR C 85 7.18 -7.35 9.19
C THR C 85 8.03 -8.61 9.21
N THR C 86 7.44 -9.79 9.01
CA THR C 86 8.14 -11.06 9.09
C THR C 86 8.12 -11.85 7.79
N GLY C 87 7.48 -11.33 6.74
CA GLY C 87 7.32 -12.09 5.52
C GLY C 87 6.36 -13.27 5.61
N VAL C 88 5.51 -13.31 6.63
CA VAL C 88 4.64 -14.46 6.84
C VAL C 88 3.71 -14.68 5.65
N PHE C 89 3.30 -13.59 4.98
CA PHE C 89 2.42 -13.76 3.82
C PHE C 89 3.15 -14.37 2.63
N THR C 90 4.46 -14.14 2.51
CA THR C 90 5.22 -14.83 1.48
C THR C 90 5.36 -16.32 1.78
N ARG C 91 5.66 -16.66 3.04
CA ARG C 91 5.67 -18.07 3.42
C ARG C 91 4.28 -18.68 3.23
N PHE C 92 3.24 -17.90 3.50
CA PHE C 92 1.87 -18.33 3.30
C PHE C 92 1.60 -18.71 1.85
N LYS C 93 2.04 -17.87 0.91
CA LYS C 93 1.78 -18.14 -0.49
C LYS C 93 2.62 -19.30 -1.00
N GLU C 94 3.84 -19.46 -0.48
CA GLU C 94 4.66 -20.61 -0.84
C GLU C 94 4.04 -21.93 -0.39
N ARG C 95 3.26 -21.89 0.70
CA ARG C 95 2.66 -23.10 1.24
C ARG C 95 1.34 -23.46 0.58
N LEU C 96 0.73 -22.53 -0.17
CA LEU C 96 -0.59 -22.75 -0.72
C LEU C 96 -0.59 -23.91 -1.71
N VAL C 97 -1.60 -24.77 -1.60
CA VAL C 97 -1.84 -25.85 -2.55
C VAL C 97 -3.32 -25.76 -2.92
N ILE C 98 -3.60 -25.26 -4.13
CA ILE C 98 -4.95 -25.29 -4.67
C ILE C 98 -5.29 -26.73 -5.06
N ARG C 99 -6.35 -27.27 -4.48
CA ARG C 99 -6.71 -28.65 -4.74
C ARG C 99 -7.53 -28.76 -6.02
N LYS C 100 -7.60 -29.99 -6.54
CA LYS C 100 -8.47 -30.32 -7.66
C LYS C 100 -9.84 -30.81 -7.22
N ASP C 101 -9.97 -31.24 -5.96
CA ASP C 101 -11.16 -31.92 -5.48
C ASP C 101 -11.57 -31.27 -4.17
N TYR C 102 -12.64 -30.48 -4.20
CA TYR C 102 -13.18 -29.86 -3.00
C TYR C 102 -14.46 -30.56 -2.54
N GLY C 103 -14.55 -31.86 -2.80
CA GLY C 103 -15.74 -32.61 -2.45
C GLY C 103 -16.03 -32.59 -0.97
N ARG C 104 -14.99 -32.56 -0.14
CA ARG C 104 -15.21 -32.52 1.30
C ARG C 104 -15.89 -31.22 1.72
N GLU C 105 -15.35 -30.08 1.27
CA GLU C 105 -15.95 -28.79 1.60
C GLU C 105 -17.35 -28.66 1.01
N ILE C 106 -17.54 -29.16 -0.21
CA ILE C 106 -18.86 -29.12 -0.83
C ILE C 106 -19.86 -29.93 -0.02
N LYS C 107 -19.45 -31.11 0.47
CA LYS C 107 -20.37 -31.91 1.27
C LYS C 107 -20.69 -31.23 2.59
N TRP C 108 -19.71 -30.58 3.22
CA TRP C 108 -19.97 -29.83 4.44
C TRP C 108 -21.02 -28.75 4.21
N GLY C 109 -20.91 -28.00 3.12
CA GLY C 109 -21.91 -26.99 2.83
C GLY C 109 -23.26 -27.58 2.49
N ASN C 110 -23.27 -28.70 1.77
CA ASN C 110 -24.51 -29.42 1.48
C ASN C 110 -25.22 -29.84 2.75
N ASP C 111 -24.49 -30.52 3.64
CA ASP C 111 -25.11 -31.07 4.85
C ASP C 111 -25.64 -29.98 5.77
N LEU C 112 -24.89 -28.88 5.92
CA LEU C 112 -25.37 -27.78 6.75
C LEU C 112 -26.60 -27.12 6.14
N ALA C 113 -26.62 -27.00 4.80
CA ALA C 113 -27.79 -26.45 4.14
C ALA C 113 -29.04 -27.25 4.47
N TRP C 114 -28.93 -28.58 4.43
CA TRP C 114 -30.08 -29.42 4.76
C TRP C 114 -30.50 -29.25 6.21
N TYR C 115 -29.54 -29.08 7.12
CA TYR C 115 -29.89 -28.79 8.50
C TYR C 115 -30.67 -27.49 8.60
N LEU C 116 -30.17 -26.44 7.95
CA LEU C 116 -30.85 -25.15 7.98
C LEU C 116 -32.25 -25.26 7.36
N LEU C 117 -32.37 -26.04 6.29
CA LEU C 117 -33.69 -26.25 5.69
C LEU C 117 -34.64 -26.93 6.68
N ASP C 118 -34.16 -27.98 7.35
CA ASP C 118 -35.03 -28.77 8.22
C ASP C 118 -35.30 -28.09 9.56
N PHE C 119 -34.34 -27.34 10.11
CA PHE C 119 -34.47 -26.83 11.46
C PHE C 119 -34.13 -25.35 11.63
N GLY C 120 -33.77 -24.63 10.56
CA GLY C 120 -33.28 -23.28 10.73
C GLY C 120 -34.30 -22.18 10.49
N MET C 121 -35.33 -22.48 9.71
CA MET C 121 -36.24 -21.44 9.20
C MET C 121 -37.07 -20.78 10.28
N ASN C 122 -37.16 -21.35 11.49
CA ASN C 122 -37.92 -20.74 12.58
C ASN C 122 -37.06 -20.53 13.82
N ALA C 123 -35.75 -20.43 13.64
CA ALA C 123 -34.85 -20.25 14.77
C ALA C 123 -34.92 -18.82 15.28
N GLU C 124 -34.58 -18.66 16.57
CA GLU C 124 -34.56 -17.33 17.17
C GLU C 124 -33.54 -16.43 16.50
N ASN C 125 -32.34 -16.96 16.24
CA ASN C 125 -31.24 -16.17 15.69
C ASN C 125 -31.31 -16.16 14.17
N THR C 126 -32.29 -15.42 13.66
CA THR C 126 -32.53 -15.32 12.22
C THR C 126 -31.28 -14.84 11.48
N THR C 127 -30.55 -13.88 12.06
CA THR C 127 -29.39 -13.32 11.38
C THR C 127 -28.31 -14.37 11.17
N LEU C 128 -28.14 -15.29 12.13
CA LEU C 128 -27.14 -16.34 11.97
C LEU C 128 -27.55 -17.33 10.89
N VAL C 129 -28.84 -17.71 10.86
CA VAL C 129 -29.32 -18.65 9.85
C VAL C 129 -29.08 -18.09 8.45
N ASN C 130 -29.42 -16.82 8.24
CA ASN C 130 -29.22 -16.21 6.93
C ASN C 130 -27.75 -16.15 6.58
N LYS C 131 -26.89 -15.79 7.53
CA LYS C 131 -25.46 -15.77 7.29
C LYS C 131 -24.95 -17.14 6.86
N ARG C 132 -25.50 -18.21 7.45
CA ARG C 132 -24.97 -19.54 7.20
C ARG C 132 -25.60 -20.21 6.00
N ILE C 133 -26.84 -19.85 5.67
CA ILE C 133 -27.38 -20.22 4.35
C ILE C 133 -26.45 -19.69 3.27
N ALA C 134 -26.11 -18.41 3.36
CA ALA C 134 -25.21 -17.81 2.37
C ALA C 134 -23.83 -18.44 2.44
N TRP C 135 -23.39 -18.86 3.63
CA TRP C 135 -22.13 -19.60 3.73
C TRP C 135 -22.19 -20.89 2.93
N CYS C 136 -23.28 -21.64 3.07
CA CYS C 136 -23.40 -22.91 2.34
C CYS C 136 -23.36 -22.68 0.84
N VAL C 137 -24.12 -21.71 0.35
CA VAL C 137 -24.20 -21.47 -1.09
C VAL C 137 -22.87 -20.96 -1.62
N ARG C 138 -22.26 -19.99 -0.93
CA ARG C 138 -20.97 -19.47 -1.36
C ARG C 138 -19.91 -20.55 -1.36
N THR C 139 -19.84 -21.34 -0.29
CA THR C 139 -18.83 -22.40 -0.21
C THR C 139 -18.96 -23.36 -1.38
N ILE C 140 -20.18 -23.80 -1.69
CA ILE C 140 -20.37 -24.74 -2.79
C ILE C 140 -20.00 -24.09 -4.13
N ALA C 141 -20.49 -22.86 -4.35
CA ALA C 141 -20.20 -22.17 -5.60
C ALA C 141 -18.71 -21.93 -5.76
N ILE C 142 -18.05 -21.39 -4.72
CA ILE C 142 -16.61 -21.14 -4.78
C ILE C 142 -15.86 -22.43 -5.11
N ALA C 143 -16.22 -23.53 -4.43
CA ALA C 143 -15.50 -24.79 -4.59
C ALA C 143 -15.63 -25.33 -6.00
N ARG C 144 -16.86 -25.34 -6.53
CA ARG C 144 -17.07 -25.83 -7.88
C ARG C 144 -16.28 -25.02 -8.90
N LEU C 145 -16.22 -23.70 -8.71
CA LEU C 145 -15.49 -22.87 -9.66
C LEU C 145 -13.97 -23.06 -9.52
N VAL C 146 -13.48 -23.22 -8.29
CA VAL C 146 -12.06 -23.52 -8.11
C VAL C 146 -11.72 -24.84 -8.77
N GLU C 147 -12.62 -25.83 -8.67
CA GLU C 147 -12.38 -27.11 -9.34
C GLU C 147 -12.26 -26.95 -10.85
N SER C 148 -12.85 -25.90 -11.42
CA SER C 148 -12.77 -25.67 -12.86
C SER C 148 -11.61 -24.74 -13.25
N GLY C 149 -10.75 -24.37 -12.32
CA GLY C 149 -9.64 -23.50 -12.61
C GLY C 149 -9.93 -22.02 -12.48
N LYS C 150 -11.12 -21.66 -12.01
CA LYS C 150 -11.49 -20.26 -11.77
C LYS C 150 -11.29 -19.92 -10.30
N ILE C 151 -10.93 -18.68 -10.03
CA ILE C 151 -10.71 -18.20 -8.67
C ILE C 151 -11.70 -17.05 -8.48
N ILE C 152 -12.90 -17.37 -8.00
CA ILE C 152 -14.02 -16.44 -7.98
C ILE C 152 -14.52 -16.32 -6.56
N PHE C 153 -14.70 -15.10 -6.07
CA PHE C 153 -15.20 -14.88 -4.72
C PHE C 153 -16.28 -13.82 -4.60
N SER C 154 -16.39 -12.87 -5.53
CA SER C 154 -17.38 -11.83 -5.32
C SER C 154 -18.79 -12.37 -5.56
N PRO C 155 -19.78 -11.89 -4.80
CA PRO C 155 -21.15 -12.39 -4.99
C PRO C 155 -21.65 -12.26 -6.42
N ARG C 156 -21.35 -11.15 -7.09
CA ARG C 156 -21.82 -10.95 -8.46
C ARG C 156 -21.24 -12.00 -9.41
N ALA C 157 -19.93 -12.20 -9.37
CA ALA C 157 -19.31 -13.17 -10.28
C ALA C 157 -19.70 -14.60 -9.93
N LEU C 158 -19.93 -14.89 -8.64
CA LEU C 158 -20.37 -16.22 -8.25
C LEU C 158 -21.73 -16.55 -8.87
N ALA C 159 -22.66 -15.60 -8.85
CA ALA C 159 -23.98 -15.85 -9.42
C ALA C 159 -23.91 -15.95 -10.94
N LYS C 160 -22.97 -15.25 -11.57
CA LYS C 160 -22.83 -15.33 -13.02
C LYS C 160 -22.19 -16.66 -13.42
N GLU C 161 -21.10 -17.03 -12.76
CA GLU C 161 -20.32 -18.21 -13.14
C GLU C 161 -20.86 -19.52 -12.60
N PHE C 162 -21.72 -19.47 -11.58
CA PHE C 162 -22.33 -20.67 -10.99
C PHE C 162 -23.84 -20.47 -10.96
N PRO C 163 -24.49 -20.41 -12.13
CA PRO C 163 -25.88 -19.93 -12.21
C PRO C 163 -26.91 -21.01 -11.85
N ARG C 164 -26.82 -21.51 -10.61
CA ARG C 164 -27.82 -22.44 -10.12
C ARG C 164 -28.98 -21.66 -9.52
N LYS C 165 -30.06 -22.38 -9.19
CA LYS C 165 -31.30 -21.75 -8.77
C LYS C 165 -31.10 -20.98 -7.47
N HIS C 166 -31.46 -19.69 -7.49
CA HIS C 166 -31.52 -18.80 -6.32
C HIS C 166 -30.15 -18.48 -5.74
N VAL C 167 -29.07 -18.69 -6.49
CA VAL C 167 -27.73 -18.43 -5.96
C VAL C 167 -27.59 -16.97 -5.57
N SER C 168 -28.05 -16.06 -6.44
CA SER C 168 -27.88 -14.63 -6.17
C SER C 168 -28.66 -14.20 -4.93
N ASP C 169 -29.95 -14.56 -4.85
CA ASP C 169 -30.75 -14.08 -3.73
C ASP C 169 -30.41 -14.81 -2.43
N LEU C 170 -29.88 -16.03 -2.51
CA LEU C 170 -29.46 -16.70 -1.28
C LEU C 170 -28.15 -16.13 -0.75
N ILE C 171 -27.18 -15.88 -1.63
CA ILE C 171 -25.97 -15.19 -1.22
C ILE C 171 -26.30 -13.81 -0.67
N GLY C 172 -27.35 -13.18 -1.20
CA GLY C 172 -27.79 -11.90 -0.69
C GLY C 172 -28.29 -11.93 0.74
N LEU C 173 -28.50 -13.12 1.32
CA LEU C 173 -28.93 -13.21 2.70
C LEU C 173 -27.81 -13.04 3.71
N ARG C 174 -26.55 -12.89 3.24
CA ARG C 174 -25.40 -13.02 4.13
C ARG C 174 -25.39 -11.97 5.25
N ARG C 175 -25.93 -10.78 5.00
CA ARG C 175 -26.04 -9.73 6.01
C ARG C 175 -27.49 -9.23 6.05
N SER C 176 -28.40 -10.16 6.30
CA SER C 176 -29.82 -9.88 6.32
C SER C 176 -30.46 -10.45 7.57
N ASP C 177 -31.50 -9.76 8.06
CA ASP C 177 -32.34 -10.27 9.15
C ASP C 177 -33.71 -10.68 8.63
N GLU C 178 -33.84 -10.82 7.32
CA GLU C 178 -35.08 -11.25 6.69
C GLU C 178 -35.51 -12.61 7.21
N ASP C 179 -36.76 -12.69 7.67
CA ASP C 179 -37.32 -13.96 8.14
C ASP C 179 -38.39 -14.49 7.20
N SER C 180 -38.34 -14.10 5.93
CA SER C 180 -39.35 -14.50 4.96
C SER C 180 -39.47 -16.01 4.90
N GLN C 181 -40.71 -16.50 4.94
CA GLN C 181 -40.94 -17.93 4.81
C GLN C 181 -40.61 -18.44 3.42
N THR C 182 -40.29 -17.56 2.47
CA THR C 182 -39.88 -17.97 1.14
C THR C 182 -38.45 -18.50 1.12
N ARG C 183 -37.68 -18.28 2.20
CA ARG C 183 -36.31 -18.77 2.26
C ARG C 183 -36.26 -20.30 2.13
N LYS C 184 -37.26 -21.00 2.69
CA LYS C 184 -37.27 -22.45 2.59
C LYS C 184 -37.37 -22.91 1.14
N ARG C 185 -38.33 -22.36 0.39
CA ARG C 185 -38.48 -22.72 -1.01
C ARG C 185 -37.23 -22.41 -1.82
N ARG C 186 -36.60 -21.27 -1.56
CA ARG C 186 -35.43 -20.87 -2.33
C ARG C 186 -34.24 -21.80 -2.06
N LEU C 187 -34.04 -22.19 -0.80
CA LEU C 187 -32.92 -23.07 -0.48
C LEU C 187 -33.17 -24.49 -0.99
N ALA C 188 -34.40 -24.97 -0.89
CA ALA C 188 -34.73 -26.27 -1.47
C ALA C 188 -34.59 -26.25 -2.98
N GLY C 189 -34.91 -25.12 -3.62
CA GLY C 189 -34.69 -25.01 -5.06
C GLY C 189 -33.22 -25.05 -5.42
N PHE C 190 -32.39 -24.35 -4.65
CA PHE C 190 -30.95 -24.41 -4.87
C PHE C 190 -30.43 -25.82 -4.72
N LEU C 191 -30.83 -26.50 -3.64
CA LEU C 191 -30.36 -27.86 -3.39
C LEU C 191 -30.80 -28.82 -4.48
N ASP C 192 -32.02 -28.66 -5.00
CA ASP C 192 -32.46 -29.51 -6.09
C ASP C 192 -31.66 -29.24 -7.36
N SER C 193 -31.33 -27.97 -7.62
CA SER C 193 -30.64 -27.64 -8.86
C SER C 193 -29.20 -28.14 -8.87
N ILE C 194 -28.63 -28.47 -7.72
CA ILE C 194 -27.32 -29.09 -7.67
C ILE C 194 -27.42 -30.57 -7.33
N ASP C 195 -28.63 -31.14 -7.42
CA ASP C 195 -28.89 -32.56 -7.19
C ASP C 195 -28.34 -32.99 -5.83
N SER C 196 -28.63 -32.19 -4.82
CA SER C 196 -28.18 -32.52 -3.47
C SER C 196 -29.04 -33.63 -2.90
N SER C 197 -28.41 -34.47 -2.09
CA SER C 197 -29.11 -35.48 -1.29
C SER C 197 -29.00 -35.09 0.17
N ARG C 198 -30.12 -35.15 0.89
CA ARG C 198 -30.06 -34.98 2.33
C ARG C 198 -29.26 -36.13 2.94
N PRO C 199 -28.35 -35.84 3.87
CA PRO C 199 -27.60 -36.93 4.51
C PRO C 199 -28.53 -37.82 5.34
N SER C 200 -28.11 -39.07 5.53
CA SER C 200 -28.94 -40.08 6.18
C SER C 200 -29.19 -39.71 7.64
N VAL C 201 -30.06 -38.72 7.86
CA VAL C 201 -30.26 -38.10 9.17
C VAL C 201 -31.72 -37.67 9.25
N SER C 202 -32.22 -37.53 10.49
CA SER C 202 -33.61 -37.10 10.67
C SER C 202 -33.73 -36.03 11.74
N SER C 203 -33.33 -36.36 12.97
CA SER C 203 -33.50 -35.45 14.09
C SER C 203 -32.34 -34.47 14.18
N GLU C 204 -32.52 -33.47 15.06
CA GLU C 204 -31.48 -32.47 15.28
C GLU C 204 -30.27 -33.06 16.01
N GLN C 205 -30.51 -33.99 16.93
CA GLN C 205 -29.38 -34.66 17.59
C GLN C 205 -28.64 -35.56 16.61
N GLU C 206 -29.35 -36.23 15.72
CA GLU C 206 -28.70 -37.01 14.67
C GLU C 206 -27.81 -36.14 13.80
N TYR C 207 -28.25 -34.92 13.49
CA TYR C 207 -27.41 -33.99 12.73
C TYR C 207 -26.13 -33.66 13.50
N VAL C 208 -26.23 -33.50 14.81
CA VAL C 208 -25.06 -33.19 15.64
C VAL C 208 -24.01 -34.28 15.48
N SER C 209 -24.40 -35.54 15.74
CA SER C 209 -23.50 -36.66 15.57
C SER C 209 -22.92 -36.69 14.16
N HIS C 210 -23.76 -36.44 13.16
CA HIS C 210 -23.30 -36.42 11.77
C HIS C 210 -22.21 -35.36 11.57
N PHE C 211 -22.45 -34.15 12.07
CA PHE C 211 -21.43 -33.11 11.98
C PHE C 211 -20.20 -33.48 12.79
N GLU C 212 -20.37 -34.17 13.91
CA GLU C 212 -19.23 -34.70 14.64
C GLU C 212 -18.50 -35.74 13.80
N ARG C 213 -19.24 -36.76 13.36
CA ARG C 213 -18.65 -37.86 12.61
C ARG C 213 -17.92 -37.38 11.36
N THR C 214 -18.51 -36.44 10.63
CA THR C 214 -17.94 -35.94 9.38
C THR C 214 -17.04 -34.73 9.58
N GLU C 215 -16.80 -34.33 10.84
CA GLU C 215 -15.86 -33.25 11.15
C GLU C 215 -16.27 -31.93 10.49
N ASN C 216 -17.58 -31.67 10.45
CA ASN C 216 -18.11 -30.44 9.86
C ASN C 216 -18.03 -29.34 10.91
N ARG C 217 -16.89 -28.65 10.94
CA ARG C 217 -16.63 -27.63 11.96
C ARG C 217 -17.65 -26.51 11.91
N VAL C 218 -17.91 -25.97 10.71
CA VAL C 218 -18.84 -24.86 10.59
C VAL C 218 -20.26 -25.31 10.92
N GLY C 219 -20.62 -26.54 10.56
CA GLY C 219 -21.93 -27.05 10.93
C GLY C 219 -22.10 -27.14 12.43
N LEU C 220 -21.09 -27.69 13.12
CA LEU C 220 -21.12 -27.74 14.58
C LEU C 220 -21.30 -26.35 15.17
N GLN C 221 -20.48 -25.39 14.73
CA GLN C 221 -20.54 -24.06 15.34
C GLN C 221 -21.85 -23.36 15.02
N THR C 222 -22.40 -23.61 13.84
CA THR C 222 -23.71 -23.04 13.51
C THR C 222 -24.78 -23.53 14.48
N LEU C 223 -24.74 -24.81 14.85
CA LEU C 223 -25.71 -25.33 15.81
C LEU C 223 -25.49 -24.74 17.19
N HIS C 224 -24.24 -24.79 17.68
CA HIS C 224 -23.95 -24.17 18.97
C HIS C 224 -24.35 -22.71 19.00
N GLY C 225 -24.13 -22.00 17.89
CA GLY C 225 -24.58 -20.61 17.81
C GLY C 225 -26.08 -20.48 17.92
N LEU C 226 -26.83 -21.41 17.32
CA LEU C 226 -28.28 -21.33 17.30
C LEU C 226 -28.92 -21.70 18.63
N LYS C 227 -28.15 -22.16 19.60
CA LYS C 227 -28.70 -22.49 20.92
C LYS C 227 -28.47 -21.35 21.90
N ILE D 12 -1.73 6.10 -18.47
CA ILE D 12 -1.56 4.85 -17.74
C ILE D 12 -2.67 4.68 -16.72
N GLU D 13 -3.51 3.67 -16.92
CA GLU D 13 -4.69 3.53 -16.08
C GLU D 13 -4.46 2.65 -14.86
N ALA D 14 -3.38 1.88 -14.82
CA ALA D 14 -3.11 1.03 -13.66
C ALA D 14 -1.64 0.68 -13.62
N LEU D 15 -1.13 0.45 -12.40
CA LEU D 15 0.29 0.19 -12.18
C LEU D 15 0.42 -0.89 -11.12
N MET D 16 1.30 -1.85 -11.37
CA MET D 16 1.45 -3.00 -10.49
C MET D 16 2.92 -3.32 -10.28
N LEU D 17 3.30 -3.56 -9.03
CA LEU D 17 4.62 -4.08 -8.70
C LEU D 17 4.56 -5.61 -8.76
N PHE D 18 5.54 -6.22 -9.41
CA PHE D 18 5.61 -7.68 -9.45
C PHE D 18 7.07 -8.10 -9.31
N GLY D 19 7.30 -9.41 -9.44
CA GLY D 19 8.64 -9.94 -9.28
C GLY D 19 9.12 -9.92 -7.83
N SER D 20 10.44 -9.90 -7.69
CA SER D 20 11.07 -10.07 -6.40
C SER D 20 10.77 -8.91 -5.45
N ALA D 21 10.68 -7.68 -5.98
CA ALA D 21 10.40 -6.53 -5.10
C ALA D 21 9.01 -6.66 -4.47
N ALA D 22 8.08 -7.34 -5.14
CA ALA D 22 6.76 -7.56 -4.58
C ALA D 22 6.75 -8.64 -3.50
N ARG D 23 7.76 -9.50 -3.45
CA ARG D 23 7.78 -10.58 -2.46
C ARG D 23 8.55 -10.21 -1.20
N GLY D 24 9.21 -9.06 -1.19
CA GLY D 24 9.96 -8.62 -0.02
C GLY D 24 11.43 -8.97 -0.03
N GLU D 25 11.95 -9.45 -1.16
CA GLU D 25 13.35 -9.85 -1.26
C GLU D 25 13.87 -9.60 -2.68
N SER D 30 18.66 -7.63 -7.25
CA SER D 30 17.25 -7.54 -6.92
C SER D 30 16.54 -6.53 -7.81
N ASP D 31 16.04 -7.00 -8.95
CA ASP D 31 15.44 -6.10 -9.93
C ASP D 31 14.06 -5.64 -9.48
N VAL D 32 13.72 -4.41 -9.83
CA VAL D 32 12.40 -3.82 -9.57
C VAL D 32 11.56 -3.94 -10.84
N ASP D 33 10.41 -4.60 -10.74
CA ASP D 33 9.57 -4.90 -11.90
C ASP D 33 8.22 -4.23 -11.77
N LEU D 34 7.86 -3.43 -12.77
CA LEU D 34 6.63 -2.65 -12.75
C LEU D 34 5.83 -2.89 -14.03
N LEU D 35 4.54 -3.17 -13.87
CA LEU D 35 3.63 -3.37 -14.99
C LEU D 35 2.70 -2.17 -15.09
N ALA D 36 2.73 -1.50 -16.24
CA ALA D 36 1.88 -0.35 -16.51
C ALA D 36 0.86 -0.73 -17.56
N VAL D 37 -0.42 -0.62 -17.21
CA VAL D 37 -1.50 -0.88 -18.15
C VAL D 37 -1.90 0.42 -18.80
N THR D 38 -1.88 0.45 -20.13
CA THR D 38 -2.21 1.66 -20.87
C THR D 38 -2.75 1.26 -22.24
N SER D 39 -3.72 2.02 -22.73
CA SER D 39 -4.31 1.73 -24.03
C SER D 39 -3.34 2.07 -25.15
N GLY D 40 -3.08 3.36 -25.36
CA GLY D 40 -2.20 3.77 -26.44
C GLY D 40 -0.73 3.68 -26.11
N VAL D 41 -0.16 2.48 -26.18
CA VAL D 41 1.25 2.28 -25.91
C VAL D 41 2.09 2.91 -27.02
N LYS D 46 12.44 0.24 -21.90
CA LYS D 46 11.92 -0.86 -21.09
C LYS D 46 12.70 -1.02 -19.77
N LYS D 47 14.02 -1.16 -19.87
CA LYS D 47 14.85 -1.53 -18.72
C LYS D 47 15.95 -0.50 -18.50
N THR D 48 16.27 -0.27 -17.22
CA THR D 48 17.50 0.38 -16.79
C THR D 48 18.39 -0.66 -16.10
N GLU D 49 19.52 -0.20 -15.57
CA GLU D 49 20.36 -1.11 -14.77
C GLU D 49 19.58 -1.67 -13.59
N GLN D 50 18.58 -0.93 -13.10
CA GLN D 50 17.88 -1.25 -11.87
C GLN D 50 16.40 -1.60 -12.05
N THR D 51 15.77 -1.23 -13.16
CA THR D 51 14.33 -1.29 -13.26
C THR D 51 13.87 -1.97 -14.54
N GLU D 52 12.66 -2.50 -14.49
CA GLU D 52 11.97 -3.08 -15.64
C GLU D 52 10.56 -2.51 -15.66
N LEU D 53 10.28 -1.66 -16.64
CA LEU D 53 8.95 -1.09 -16.82
C LEU D 53 8.33 -1.76 -18.04
N GLN D 54 7.29 -2.57 -17.81
CA GLN D 54 6.61 -3.27 -18.88
C GLN D 54 5.23 -2.69 -19.09
N PHE D 55 4.87 -2.49 -20.35
CA PHE D 55 3.58 -1.92 -20.75
C PHE D 55 2.73 -2.98 -21.44
N LEU D 56 1.44 -2.99 -21.10
CA LEU D 56 0.46 -3.84 -21.76
C LEU D 56 -0.83 -3.06 -21.92
N ASN D 57 -1.56 -3.34 -22.99
CA ASN D 57 -2.88 -2.73 -23.03
C ASN D 57 -3.90 -3.61 -22.32
N PRO D 58 -5.06 -3.06 -21.96
CA PRO D 58 -6.03 -3.87 -21.19
C PRO D 58 -6.48 -5.13 -21.90
N GLU D 59 -6.63 -5.10 -23.23
CA GLU D 59 -7.06 -6.30 -23.95
C GLU D 59 -6.05 -7.43 -23.78
N GLU D 60 -4.75 -7.12 -23.89
CA GLU D 60 -3.74 -8.17 -23.77
C GLU D 60 -3.62 -8.65 -22.32
N LEU D 61 -3.78 -7.75 -21.34
CA LEU D 61 -3.79 -8.18 -19.95
C LEU D 61 -4.88 -9.20 -19.70
N LEU D 62 -6.11 -8.89 -20.15
CA LEU D 62 -7.22 -9.80 -19.92
C LEU D 62 -7.09 -11.09 -20.72
N ARG D 63 -6.50 -11.01 -21.93
CA ARG D 63 -6.29 -12.23 -22.70
C ARG D 63 -5.33 -13.18 -22.00
N SER D 64 -4.29 -12.63 -21.38
CA SER D 64 -3.34 -13.48 -20.65
C SER D 64 -4.05 -14.20 -19.50
N ALA D 65 -5.04 -13.56 -18.88
CA ALA D 65 -5.82 -14.23 -17.85
C ALA D 65 -6.70 -15.32 -18.45
N SER D 66 -7.44 -14.99 -19.52
CA SER D 66 -8.32 -15.97 -20.15
C SER D 66 -7.55 -17.20 -20.63
N ASP D 67 -6.35 -17.00 -21.15
CA ASP D 67 -5.54 -18.10 -21.63
C ASP D 67 -4.73 -18.78 -20.54
N GLY D 68 -4.82 -18.30 -19.31
CA GLY D 68 -4.11 -18.92 -18.21
C GLY D 68 -2.61 -18.86 -18.30
N ASP D 69 -2.05 -17.84 -18.97
CA ASP D 69 -0.60 -17.67 -19.03
C ASP D 69 0.00 -17.80 -17.64
N LEU D 70 1.13 -18.49 -17.56
CA LEU D 70 1.83 -18.60 -16.29
C LEU D 70 2.19 -17.23 -15.74
N PHE D 71 2.56 -16.30 -16.62
CA PHE D 71 2.88 -14.95 -16.18
C PHE D 71 1.66 -14.27 -15.55
N ALA D 72 0.47 -14.51 -16.10
CA ALA D 72 -0.74 -13.94 -15.53
C ALA D 72 -1.02 -14.50 -14.15
N ILE D 73 -0.75 -15.80 -13.95
CA ILE D 73 -0.91 -16.38 -12.61
C ILE D 73 0.00 -15.67 -11.61
N HIS D 74 1.23 -15.33 -12.03
CA HIS D 74 2.13 -14.62 -11.15
C HIS D 74 1.58 -13.25 -10.77
N LEU D 75 1.12 -12.49 -11.76
CA LEU D 75 0.57 -11.16 -11.49
C LEU D 75 -0.62 -11.25 -10.54
N ALA D 76 -1.49 -12.23 -10.76
CA ALA D 76 -2.73 -12.31 -10.00
C ALA D 76 -2.48 -12.69 -8.55
N PHE D 77 -1.51 -13.59 -8.29
CA PHE D 77 -1.29 -14.09 -6.94
C PHE D 77 -0.16 -13.39 -6.18
N GLU D 78 0.71 -12.65 -6.88
CA GLU D 78 1.85 -11.99 -6.23
C GLU D 78 1.99 -10.51 -6.56
N GLY D 79 1.30 -10.00 -7.57
CA GLY D 79 1.44 -8.60 -7.90
C GLY D 79 0.80 -7.70 -6.86
N LYS D 80 1.43 -6.54 -6.64
CA LYS D 80 0.95 -5.55 -5.68
C LYS D 80 0.45 -4.35 -6.46
N ILE D 81 -0.85 -4.10 -6.39
CA ILE D 81 -1.45 -3.00 -7.14
C ILE D 81 -1.05 -1.69 -6.49
N ILE D 82 -0.38 -0.83 -7.26
CA ILE D 82 -0.04 0.50 -6.78
C ILE D 82 -1.21 1.45 -6.95
N PHE D 83 -1.82 1.45 -8.14
CA PHE D 83 -3.11 2.12 -8.33
C PHE D 83 -3.82 1.48 -9.50
N ASP D 84 -5.13 1.68 -9.54
CA ASP D 84 -5.97 1.10 -10.59
C ASP D 84 -7.21 1.97 -10.69
N THR D 85 -7.23 2.86 -11.68
CA THR D 85 -8.30 3.84 -11.82
C THR D 85 -9.53 3.29 -12.51
N THR D 86 -9.39 2.21 -13.27
CA THR D 86 -10.46 1.67 -14.09
C THR D 86 -10.98 0.32 -13.61
N GLY D 87 -10.39 -0.25 -12.56
CA GLY D 87 -10.74 -1.59 -12.14
C GLY D 87 -10.31 -2.67 -13.10
N VAL D 88 -9.26 -2.44 -13.89
CA VAL D 88 -8.87 -3.44 -14.88
C VAL D 88 -8.26 -4.65 -14.21
N PHE D 89 -7.59 -4.47 -13.07
CA PHE D 89 -6.97 -5.61 -12.41
C PHE D 89 -8.02 -6.55 -11.80
N THR D 90 -9.19 -6.02 -11.42
CA THR D 90 -10.21 -6.93 -10.90
C THR D 90 -10.92 -7.69 -12.02
N ARG D 91 -11.13 -7.05 -13.17
CA ARG D 91 -11.60 -7.78 -14.35
C ARG D 91 -10.56 -8.78 -14.81
N PHE D 92 -9.28 -8.40 -14.72
CA PHE D 92 -8.18 -9.34 -14.97
C PHE D 92 -8.33 -10.60 -14.15
N LYS D 93 -8.51 -10.45 -12.84
CA LYS D 93 -8.56 -11.61 -11.96
C LYS D 93 -9.81 -12.46 -12.20
N GLU D 94 -10.94 -11.83 -12.48
CA GLU D 94 -12.16 -12.60 -12.72
C GLU D 94 -12.16 -13.32 -14.07
N ARG D 95 -11.23 -13.00 -14.96
CA ARG D 95 -11.07 -13.71 -16.22
C ARG D 95 -10.08 -14.87 -16.14
N LEU D 96 -9.30 -14.96 -15.07
CA LEU D 96 -8.26 -15.97 -15.01
C LEU D 96 -8.84 -17.37 -14.97
N VAL D 97 -8.32 -18.23 -15.84
CA VAL D 97 -8.62 -19.65 -15.85
C VAL D 97 -7.29 -20.38 -15.83
N ILE D 98 -6.98 -21.03 -14.70
CA ILE D 98 -5.78 -21.85 -14.63
C ILE D 98 -6.03 -23.12 -15.43
N ARG D 99 -5.17 -23.38 -16.41
CA ARG D 99 -5.46 -24.41 -17.40
C ARG D 99 -5.31 -25.80 -16.79
N LYS D 100 -5.90 -26.78 -17.48
CA LYS D 100 -5.85 -28.17 -17.04
C LYS D 100 -4.42 -28.70 -17.02
N ASP D 101 -3.59 -28.27 -17.97
CA ASP D 101 -2.22 -28.73 -18.01
C ASP D 101 -1.40 -27.70 -18.77
N TYR D 102 -0.10 -27.68 -18.49
CA TYR D 102 0.83 -26.77 -19.13
C TYR D 102 1.90 -27.53 -19.89
N GLY D 103 1.48 -28.66 -20.48
CA GLY D 103 2.40 -29.47 -21.28
C GLY D 103 3.00 -28.70 -22.43
N ARG D 104 2.19 -27.88 -23.10
CA ARG D 104 2.69 -27.04 -24.18
C ARG D 104 3.86 -26.19 -23.72
N GLU D 105 3.71 -25.55 -22.56
CA GLU D 105 4.75 -24.67 -22.03
C GLU D 105 5.98 -25.46 -21.59
N ILE D 106 5.77 -26.61 -20.95
CA ILE D 106 6.88 -27.47 -20.55
C ILE D 106 7.69 -27.89 -21.78
N LYS D 107 6.99 -28.25 -22.87
CA LYS D 107 7.67 -28.68 -24.09
C LYS D 107 8.47 -27.55 -24.73
N TRP D 108 7.92 -26.33 -24.71
CA TRP D 108 8.65 -25.18 -25.23
C TRP D 108 9.95 -24.96 -24.45
N GLY D 109 9.88 -25.09 -23.11
CA GLY D 109 11.08 -24.91 -22.31
C GLY D 109 12.10 -26.02 -22.53
N ASN D 110 11.64 -27.28 -22.55
CA ASN D 110 12.52 -28.40 -22.83
C ASN D 110 13.21 -28.25 -24.19
N ASP D 111 12.43 -27.92 -25.22
CA ASP D 111 12.99 -27.88 -26.57
C ASP D 111 14.02 -26.77 -26.72
N LEU D 112 13.73 -25.58 -26.20
CA LEU D 112 14.70 -24.50 -26.25
C LEU D 112 15.94 -24.85 -25.44
N ALA D 113 15.76 -25.55 -24.32
CA ALA D 113 16.90 -25.97 -23.51
C ALA D 113 17.84 -26.85 -24.33
N TRP D 114 17.29 -27.83 -25.06
CA TRP D 114 18.13 -28.67 -25.90
C TRP D 114 18.84 -27.85 -26.97
N TYR D 115 18.15 -26.87 -27.55
CA TYR D 115 18.81 -26.01 -28.55
C TYR D 115 19.95 -25.22 -27.93
N LEU D 116 19.74 -24.66 -26.74
CA LEU D 116 20.81 -23.94 -26.07
C LEU D 116 21.95 -24.89 -25.70
N LEU D 117 21.63 -26.14 -25.36
CA LEU D 117 22.67 -27.12 -25.09
C LEU D 117 23.47 -27.43 -26.36
N ASP D 118 22.79 -27.69 -27.47
CA ASP D 118 23.46 -28.19 -28.67
C ASP D 118 24.24 -27.10 -29.40
N PHE D 119 23.67 -25.89 -29.52
CA PHE D 119 24.24 -24.87 -30.39
C PHE D 119 24.32 -23.51 -29.73
N GLY D 120 24.19 -23.43 -28.41
CA GLY D 120 24.11 -22.13 -27.77
C GLY D 120 25.28 -21.74 -26.90
N MET D 121 26.14 -22.69 -26.56
CA MET D 121 27.16 -22.47 -25.54
C MET D 121 28.33 -21.63 -26.04
N ASN D 122 28.18 -20.97 -27.20
CA ASN D 122 29.27 -20.16 -27.74
C ASN D 122 28.76 -19.04 -28.65
N ALA D 123 27.54 -18.55 -28.44
CA ALA D 123 27.03 -17.44 -29.23
C ALA D 123 27.80 -16.16 -28.94
N ASN D 125 26.37 -13.51 -28.18
CA ASN D 125 25.56 -12.98 -27.08
C ASN D 125 25.44 -13.98 -25.95
N THR D 126 26.50 -14.12 -25.16
CA THR D 126 26.47 -15.05 -24.03
C THR D 126 25.49 -14.57 -22.96
N THR D 127 25.28 -13.27 -22.85
CA THR D 127 24.33 -12.75 -21.86
C THR D 127 22.94 -13.31 -22.10
N LEU D 128 22.48 -13.30 -23.35
CA LEU D 128 21.14 -13.79 -23.65
C LEU D 128 21.03 -15.30 -23.43
N VAL D 129 22.09 -16.04 -23.75
CA VAL D 129 22.04 -17.50 -23.60
C VAL D 129 21.78 -17.89 -22.16
N ASN D 130 22.54 -17.30 -21.23
CA ASN D 130 22.34 -17.59 -19.82
C ASN D 130 20.95 -17.16 -19.36
N LYS D 131 20.50 -15.98 -19.78
CA LYS D 131 19.15 -15.55 -19.45
C LYS D 131 18.12 -16.57 -19.95
N ARG D 132 18.37 -17.18 -21.09
CA ARG D 132 17.41 -18.09 -21.69
C ARG D 132 17.48 -19.49 -21.10
N ILE D 133 18.67 -19.97 -20.71
CA ILE D 133 18.75 -21.21 -19.96
C ILE D 133 17.92 -21.11 -18.70
N ALA D 134 18.09 -20.01 -17.95
CA ALA D 134 17.29 -19.78 -16.76
C ALA D 134 15.81 -19.72 -17.08
N TRP D 135 15.45 -19.16 -18.25
CA TRP D 135 14.05 -19.13 -18.62
C TRP D 135 13.49 -20.54 -18.83
N CYS D 136 14.24 -21.38 -19.56
CA CYS D 136 13.82 -22.76 -19.76
C CYS D 136 13.57 -23.45 -18.42
N VAL D 137 14.55 -23.37 -17.51
CA VAL D 137 14.45 -24.07 -16.24
C VAL D 137 13.29 -23.53 -15.42
N ARG D 138 13.17 -22.21 -15.34
CA ARG D 138 12.08 -21.63 -14.55
C ARG D 138 10.73 -22.00 -15.15
N THR D 139 10.60 -21.93 -16.47
CA THR D 139 9.32 -22.22 -17.11
C THR D 139 8.88 -23.66 -16.82
N ILE D 140 9.80 -24.61 -16.95
CA ILE D 140 9.46 -26.01 -16.68
C ILE D 140 9.06 -26.19 -15.22
N ALA D 141 9.85 -25.61 -14.30
CA ALA D 141 9.56 -25.73 -12.88
C ALA D 141 8.23 -25.09 -12.53
N ILE D 142 8.03 -23.83 -12.94
CA ILE D 142 6.76 -23.13 -12.67
C ILE D 142 5.58 -23.94 -13.20
N ALA D 143 5.70 -24.44 -14.43
CA ALA D 143 4.58 -25.15 -15.04
C ALA D 143 4.24 -26.43 -14.29
N ARG D 144 5.26 -27.24 -13.97
CA ARG D 144 4.99 -28.49 -13.24
C ARG D 144 4.40 -28.21 -11.87
N LEU D 145 4.87 -27.14 -11.20
CA LEU D 145 4.35 -26.83 -9.87
C LEU D 145 2.95 -26.24 -9.94
N VAL D 146 2.67 -25.40 -10.94
CA VAL D 146 1.31 -24.91 -11.14
C VAL D 146 0.35 -26.08 -11.41
N GLU D 147 0.78 -27.05 -12.23
CA GLU D 147 -0.04 -28.22 -12.48
C GLU D 147 -0.40 -28.95 -11.18
N SER D 148 0.50 -28.96 -10.21
CA SER D 148 0.25 -29.63 -8.95
C SER D 148 -0.49 -28.75 -7.95
N GLY D 149 -0.82 -27.52 -8.32
CA GLY D 149 -1.61 -26.64 -7.48
C GLY D 149 -0.85 -25.57 -6.73
N LYS D 150 0.40 -25.28 -7.11
CA LYS D 150 1.22 -24.30 -6.42
C LYS D 150 1.20 -22.97 -7.16
N ILE D 151 1.59 -21.91 -6.45
CA ILE D 151 1.73 -20.58 -7.04
C ILE D 151 3.12 -20.07 -6.73
N ILE D 152 4.13 -20.86 -7.07
CA ILE D 152 5.52 -20.55 -6.73
C ILE D 152 6.22 -19.97 -7.96
N PHE D 153 6.86 -18.82 -7.78
CA PHE D 153 7.59 -18.19 -8.86
C PHE D 153 8.98 -17.73 -8.50
N SER D 154 9.33 -17.67 -7.22
CA SER D 154 10.65 -17.15 -6.94
C SER D 154 11.72 -18.22 -7.14
N PRO D 155 12.91 -17.85 -7.59
CA PRO D 155 13.97 -18.83 -7.82
C PRO D 155 14.26 -19.72 -6.61
N ARG D 156 14.27 -19.12 -5.41
CA ARG D 156 14.57 -19.84 -4.19
C ARG D 156 13.57 -20.95 -3.94
N ALA D 157 12.28 -20.64 -4.06
CA ALA D 157 11.24 -21.62 -3.76
C ALA D 157 11.10 -22.65 -4.87
N LEU D 158 11.30 -22.24 -6.12
CA LEU D 158 11.31 -23.18 -7.23
C LEU D 158 12.35 -24.27 -7.02
N ALA D 159 13.57 -23.88 -6.64
CA ALA D 159 14.63 -24.85 -6.43
C ALA D 159 14.31 -25.78 -5.26
N LYS D 160 13.61 -25.28 -4.24
CA LYS D 160 13.25 -26.11 -3.10
C LYS D 160 12.15 -27.09 -3.46
N GLU D 161 11.11 -26.62 -4.16
CA GLU D 161 9.93 -27.42 -4.47
C GLU D 161 10.06 -28.22 -5.76
N PHE D 162 11.08 -27.95 -6.57
CA PHE D 162 11.36 -28.69 -7.80
C PHE D 162 12.85 -29.02 -7.79
N PRO D 163 13.30 -29.86 -6.82
CA PRO D 163 14.73 -30.05 -6.57
C PRO D 163 15.42 -30.97 -7.58
N ARG D 164 15.33 -30.60 -8.86
CA ARG D 164 16.02 -31.38 -9.87
C ARG D 164 17.49 -30.97 -9.94
N LYS D 165 18.24 -31.70 -10.76
CA LYS D 165 19.69 -31.53 -10.84
C LYS D 165 20.05 -30.13 -11.32
N HIS D 166 20.81 -29.40 -10.48
CA HIS D 166 21.40 -28.11 -10.79
C HIS D 166 20.38 -27.01 -11.06
N VAL D 167 19.18 -27.09 -10.45
CA VAL D 167 18.17 -26.06 -10.67
C VAL D 167 18.64 -24.71 -10.14
N SER D 168 19.21 -24.70 -8.93
CA SER D 168 19.71 -23.45 -8.35
C SER D 168 20.73 -22.79 -9.28
N ASP D 169 21.70 -23.58 -9.75
CA ASP D 169 22.76 -23.04 -10.60
C ASP D 169 22.19 -22.45 -11.89
N LEU D 170 21.24 -23.14 -12.52
CA LEU D 170 20.76 -22.72 -13.82
C LEU D 170 19.83 -21.52 -13.73
N ILE D 171 19.00 -21.45 -12.69
CA ILE D 171 18.14 -20.29 -12.53
C ILE D 171 18.97 -19.05 -12.21
N GLY D 172 20.08 -19.22 -11.50
CA GLY D 172 21.00 -18.11 -11.26
C GLY D 172 21.68 -17.58 -12.51
N LEU D 173 21.45 -18.20 -13.67
CA LEU D 173 22.10 -17.75 -14.90
C LEU D 173 21.44 -16.49 -15.45
N ARG D 174 20.21 -16.21 -15.07
CA ARG D 174 19.54 -14.98 -15.46
C ARG D 174 20.32 -13.77 -14.93
N ASP D 177 23.85 -12.77 -15.74
CA ASP D 177 25.07 -13.57 -15.68
C ASP D 177 25.65 -13.72 -17.09
N GLU D 178 26.72 -12.97 -17.37
CA GLU D 178 27.31 -12.92 -18.70
C GLU D 178 28.62 -13.72 -18.80
N ASP D 179 28.80 -14.71 -17.93
CA ASP D 179 30.04 -15.49 -17.92
C ASP D 179 29.81 -16.87 -18.52
N SER D 180 30.77 -17.32 -19.30
CA SER D 180 30.68 -18.57 -20.05
C SER D 180 31.73 -19.55 -19.54
N GLN D 181 31.27 -20.68 -19.00
CA GLN D 181 32.16 -21.77 -18.63
C GLN D 181 31.66 -23.06 -19.26
N THR D 182 31.95 -24.19 -18.62
CA THR D 182 31.45 -25.49 -19.08
C THR D 182 30.13 -25.84 -18.40
N ARG D 183 29.20 -24.89 -18.38
CA ARG D 183 27.88 -25.16 -17.82
C ARG D 183 27.02 -26.02 -18.77
N LYS D 184 27.60 -26.49 -19.88
CA LYS D 184 26.92 -27.47 -20.73
C LYS D 184 26.61 -28.74 -19.95
N ARG D 185 27.50 -29.12 -19.04
CA ARG D 185 27.29 -30.32 -18.24
C ARG D 185 26.10 -30.16 -17.29
N ARG D 186 25.91 -28.96 -16.76
CA ARG D 186 24.82 -28.73 -15.82
C ARG D 186 23.46 -28.81 -16.51
N LEU D 187 23.33 -28.17 -17.66
CA LEU D 187 22.08 -28.23 -18.41
C LEU D 187 21.75 -29.66 -18.82
N ALA D 188 22.77 -30.42 -19.21
CA ALA D 188 22.56 -31.83 -19.58
C ALA D 188 22.09 -32.64 -18.38
N GLY D 189 22.68 -32.38 -17.21
CA GLY D 189 22.23 -33.08 -16.01
C GLY D 189 20.80 -32.74 -15.65
N PHE D 190 20.45 -31.45 -15.68
CA PHE D 190 19.07 -31.05 -15.44
C PHE D 190 18.13 -31.78 -16.38
N LEU D 191 18.46 -31.79 -17.67
CA LEU D 191 17.60 -32.44 -18.66
C LEU D 191 17.44 -33.93 -18.39
N ASP D 192 18.50 -34.59 -17.88
CA ASP D 192 18.37 -36.01 -17.61
C ASP D 192 17.49 -36.27 -16.39
N SER D 193 17.55 -35.40 -15.38
CA SER D 193 16.80 -35.65 -14.16
C SER D 193 15.31 -35.43 -14.34
N ILE D 194 14.89 -34.66 -15.34
CA ILE D 194 13.48 -34.59 -15.71
C ILE D 194 13.16 -35.51 -16.89
N ASP D 195 14.07 -36.42 -17.22
CA ASP D 195 13.90 -37.39 -18.31
C ASP D 195 13.41 -36.70 -19.58
N SER D 196 14.12 -35.65 -19.98
CA SER D 196 13.79 -34.92 -21.19
C SER D 196 14.30 -35.67 -22.42
N SER D 197 13.49 -35.67 -23.47
CA SER D 197 13.89 -36.22 -24.76
C SER D 197 14.16 -35.07 -25.72
N ARG D 198 15.35 -35.06 -26.30
CA ARG D 198 15.68 -34.06 -27.31
C ARG D 198 14.69 -34.18 -28.48
N PRO D 199 14.25 -33.06 -29.06
CA PRO D 199 13.43 -33.16 -30.27
C PRO D 199 14.21 -33.81 -31.40
N SER D 200 13.48 -34.32 -32.39
CA SER D 200 14.10 -35.04 -33.50
C SER D 200 14.67 -34.05 -34.51
N VAL D 201 15.73 -33.37 -34.10
CA VAL D 201 16.37 -32.36 -34.95
C VAL D 201 17.87 -32.57 -34.94
N SER D 202 18.50 -32.14 -36.03
CA SER D 202 19.93 -32.29 -36.23
C SER D 202 20.55 -30.92 -36.29
N SER D 203 20.62 -30.29 -37.46
CA SER D 203 21.21 -28.97 -37.63
C SER D 203 20.49 -27.91 -36.80
N GLU D 204 21.10 -26.72 -36.76
CA GLU D 204 20.39 -25.56 -36.23
C GLU D 204 19.19 -25.21 -37.09
N GLN D 205 19.30 -25.44 -38.41
CA GLN D 205 18.17 -25.16 -39.29
C GLN D 205 17.00 -26.09 -39.01
N GLU D 206 17.28 -27.31 -38.54
CA GLU D 206 16.20 -28.18 -38.08
C GLU D 206 15.51 -27.60 -36.86
N TYR D 207 16.28 -27.00 -35.95
CA TYR D 207 15.69 -26.36 -34.79
C TYR D 207 14.78 -25.21 -35.20
N VAL D 208 15.20 -24.42 -36.20
CA VAL D 208 14.38 -23.30 -36.65
C VAL D 208 13.02 -23.78 -37.12
N SER D 209 13.01 -24.77 -38.02
CA SER D 209 11.74 -25.31 -38.51
C SER D 209 10.95 -25.98 -37.39
N HIS D 210 11.63 -26.58 -36.41
CA HIS D 210 10.93 -27.17 -35.28
C HIS D 210 10.27 -26.10 -34.43
N PHE D 211 11.01 -25.05 -34.08
CA PHE D 211 10.42 -23.94 -33.32
C PHE D 211 9.26 -23.32 -34.08
N GLU D 212 9.42 -23.16 -35.40
CA GLU D 212 8.34 -22.60 -36.20
C GLU D 212 7.12 -23.50 -36.19
N ARG D 213 7.34 -24.80 -36.43
CA ARG D 213 6.23 -25.75 -36.48
C ARG D 213 5.50 -25.83 -35.14
N THR D 214 6.24 -25.87 -34.04
CA THR D 214 5.64 -25.94 -32.71
C THR D 214 5.24 -24.57 -32.16
N GLU D 215 5.37 -23.51 -32.95
CA GLU D 215 5.01 -22.16 -32.54
C GLU D 215 5.68 -21.79 -31.20
N ASN D 216 6.99 -22.01 -31.14
CA ASN D 216 7.77 -21.73 -29.94
C ASN D 216 8.30 -20.30 -30.06
N ARG D 217 7.46 -19.35 -29.64
CA ARG D 217 7.77 -17.93 -29.79
C ARG D 217 9.11 -17.58 -29.13
N VAL D 218 9.29 -17.98 -27.87
CA VAL D 218 10.53 -17.65 -27.18
C VAL D 218 11.72 -18.33 -27.85
N GLY D 219 11.54 -19.60 -28.24
CA GLY D 219 12.62 -20.30 -28.94
C GLY D 219 13.01 -19.63 -30.23
N LEU D 220 12.04 -19.02 -30.92
CA LEU D 220 12.35 -18.29 -32.15
C LEU D 220 13.02 -16.97 -31.84
N GLN D 221 12.44 -16.18 -30.93
CA GLN D 221 13.03 -14.91 -30.53
C GLN D 221 14.45 -15.10 -30.01
N THR D 222 14.67 -16.14 -29.21
CA THR D 222 16.01 -16.43 -28.69
C THR D 222 16.98 -16.75 -29.82
N LEU D 223 16.61 -17.70 -30.69
CA LEU D 223 17.53 -18.25 -31.69
C LEU D 223 18.21 -17.17 -32.51
N HIS D 224 17.51 -16.09 -32.84
CA HIS D 224 18.13 -14.96 -33.51
C HIS D 224 18.46 -13.88 -32.49
N GLY D 225 19.49 -14.18 -31.70
CA GLY D 225 19.94 -13.28 -30.65
C GLY D 225 21.00 -13.93 -29.77
MN MN I . 4.29 5.66 18.16
MN MN J . -17.69 -9.99 -0.60
MN MN K . 12.55 -12.95 -8.89
MN MN L . 1.00 17.39 -10.42
#